data_2CIM
#
_entry.id   2CIM
#
_cell.length_a   97.150
_cell.length_b   97.150
_cell.length_c   268.500
_cell.angle_alpha   90.00
_cell.angle_beta   90.00
_cell.angle_gamma   120.00
#
_symmetry.space_group_name_H-M   'P 32 2 1'
#
loop_
_entity.id
_entity.type
_entity.pdbx_description
1 polymer 'SERYL-TRNA SYNTHETASE'
2 non-polymer 'ZINC ION'
3 non-polymer 'CHLORIDE ION'
4 non-polymer 'PLATINUM (II) ION'
5 water water
#
_entity_poly.entity_id   1
_entity_poly.type   'polypeptide(L)'
_entity_poly.pdbx_seq_one_letter_code
;MGSSHHHHHHSSGLVPRGSHMKLQFNLKAYFKTSADPTPAKDAIAALFEEANSTLLTRGAPEGQGAKVTEWKLGEDRIEL
TLQSGRYVRVHDAIFRLRKQLAEALGKKYKIGIRGIEVESFIIKVPADHELRMLKVPYIKSMENIEGGIQLELEVGEAEM
KNRVPDRILTLLEEKIEAAQYGAKAEHWNLLWQREPMEHPFKEDPTQAMMKEGWLKRGSSRGQWIHGPQSARIFRTFEKI
VLEELLEPLGYREMIFPKLVTWEVWMKSGHAKGVYPEIYYVCPPQTRDPDYWEEVADYYKVTHEVPTKLIKEKIAEPIGG
MCYAQCPPFWMYVAGETLPNEEIPVKVFDRSGTSHRYESGGIHGIERVDEFHRIEIVWIGTKEEVLKCAEELHDRYMHIF
NDILDIEWRKARVTPWFMAQEGLLGLAEENTVGTTDYEACLPYRGPDGEWLEFQNVSINGDKYPKGFNVKLQSGDELWSG
CSGVGLERWAAVFLAQKGLDPANWPEEFRNRVGEMPKGIRFL
;
_entity_poly.pdbx_strand_id   A,B
#
# COMPACT_ATOMS: atom_id res chain seq x y z
N MET A 21 -38.99 -31.14 -3.55
CA MET A 21 -38.38 -31.05 -4.91
C MET A 21 -37.10 -31.88 -4.98
N LYS A 22 -36.76 -32.31 -6.20
CA LYS A 22 -35.60 -33.16 -6.45
C LYS A 22 -34.57 -32.43 -7.33
N LEU A 23 -33.29 -32.68 -7.04
CA LEU A 23 -32.19 -32.11 -7.82
C LEU A 23 -32.13 -32.74 -9.20
N GLN A 24 -32.17 -31.90 -10.24
CA GLN A 24 -32.06 -32.40 -11.62
C GLN A 24 -31.39 -31.44 -12.61
N PHE A 25 -30.62 -32.04 -13.52
CA PHE A 25 -29.90 -31.33 -14.57
C PHE A 25 -30.64 -31.47 -15.89
N ASN A 26 -30.52 -30.46 -16.76
CA ASN A 26 -31.16 -30.48 -18.08
C ASN A 26 -30.27 -29.89 -19.16
N LEU A 27 -29.91 -30.72 -20.14
CA LEU A 27 -29.01 -30.30 -21.21
C LEU A 27 -29.72 -30.36 -22.56
N LYS A 28 -29.53 -29.33 -23.36
CA LYS A 28 -29.95 -29.34 -24.77
C LYS A 28 -28.71 -28.99 -25.60
N ALA A 29 -28.22 -29.97 -26.36
CA ALA A 29 -26.97 -29.83 -27.11
C ALA A 29 -26.94 -30.69 -28.38
N TYR A 30 -26.04 -30.33 -29.30
CA TYR A 30 -25.81 -31.12 -30.51
C TYR A 30 -24.33 -31.37 -30.80
N PHE A 31 -24.03 -32.53 -31.37
CA PHE A 31 -22.67 -32.85 -31.81
C PHE A 31 -22.43 -32.32 -33.22
N LYS A 32 -21.33 -31.60 -33.40
CA LYS A 32 -20.89 -31.17 -34.74
C LYS A 32 -20.26 -32.35 -35.47
N THR A 33 -20.52 -32.46 -36.77
CA THR A 33 -19.93 -33.53 -37.59
C THR A 33 -19.30 -32.99 -38.88
N SER A 34 -18.27 -33.71 -39.36
CA SER A 34 -17.56 -33.35 -40.59
C SER A 34 -18.42 -33.60 -41.81
N ALA A 35 -18.80 -34.87 -42.01
CA ALA A 35 -19.76 -35.26 -43.04
C ALA A 35 -21.10 -35.53 -42.38
N ASP A 36 -22.18 -35.53 -43.16
CA ASP A 36 -23.54 -35.72 -42.64
C ASP A 36 -23.77 -37.13 -42.07
N PRO A 37 -24.29 -37.20 -40.82
CA PRO A 37 -24.60 -38.48 -40.17
C PRO A 37 -25.95 -39.07 -40.62
N THR A 38 -26.43 -38.59 -41.77
CA THR A 38 -27.70 -39.04 -42.35
C THR A 38 -27.77 -40.54 -42.71
N PRO A 39 -26.69 -41.11 -43.30
CA PRO A 39 -26.75 -42.55 -43.59
C PRO A 39 -26.50 -43.46 -42.38
N ALA A 40 -27.07 -43.09 -41.22
CA ALA A 40 -26.88 -43.85 -39.98
C ALA A 40 -28.01 -43.66 -38.98
N LYS A 41 -29.19 -43.28 -39.46
CA LYS A 41 -30.35 -42.97 -38.61
C LYS A 41 -30.86 -44.16 -37.77
N ASP A 42 -30.54 -45.37 -38.20
CA ASP A 42 -30.95 -46.59 -37.49
C ASP A 42 -29.86 -47.10 -36.55
N ALA A 43 -28.61 -46.92 -36.96
CA ALA A 43 -27.45 -47.32 -36.14
C ALA A 43 -27.25 -46.38 -34.95
N ILE A 44 -27.67 -45.12 -35.12
CA ILE A 44 -27.56 -44.11 -34.08
C ILE A 44 -28.76 -44.18 -33.10
N ALA A 45 -29.96 -44.31 -33.63
CA ALA A 45 -31.18 -44.39 -32.81
C ALA A 45 -31.22 -45.62 -31.90
N ALA A 46 -30.63 -46.72 -32.37
CA ALA A 46 -30.53 -47.95 -31.58
C ALA A 46 -29.49 -47.82 -30.45
N LEU A 47 -28.55 -46.90 -30.62
CA LEU A 47 -27.46 -46.69 -29.66
C LEU A 47 -27.90 -45.87 -28.45
N PHE A 48 -28.64 -44.79 -28.69
CA PHE A 48 -29.15 -43.92 -27.62
C PHE A 48 -30.10 -44.66 -26.68
N GLU A 49 -30.96 -45.48 -27.26
CA GLU A 49 -31.96 -46.25 -26.53
C GLU A 49 -31.32 -47.31 -25.62
N GLU A 50 -30.12 -47.75 -26.00
CA GLU A 50 -29.35 -48.71 -25.22
C GLU A 50 -28.74 -48.05 -23.97
N ALA A 51 -28.27 -46.81 -24.14
CA ALA A 51 -27.58 -46.07 -23.07
C ALA A 51 -28.43 -45.78 -21.83
N ASN A 52 -29.76 -45.79 -22.00
CA ASN A 52 -30.68 -45.50 -20.90
C ASN A 52 -30.79 -46.61 -19.85
N SER A 53 -30.20 -47.77 -20.15
CA SER A 53 -30.15 -48.89 -19.20
C SER A 53 -28.75 -49.50 -19.08
N THR A 54 -27.85 -49.07 -19.95
CA THR A 54 -26.47 -49.58 -19.95
C THR A 54 -25.42 -48.47 -19.70
N LEU A 55 -25.03 -47.77 -20.77
CA LEU A 55 -23.91 -46.83 -20.75
C LEU A 55 -23.99 -45.76 -19.64
N LEU A 56 -25.20 -45.25 -19.41
CA LEU A 56 -25.41 -44.16 -18.44
C LEU A 56 -25.98 -44.65 -17.11
N THR A 57 -25.50 -45.80 -16.64
CA THR A 57 -25.91 -46.36 -15.35
C THR A 57 -24.72 -46.49 -14.40
N ARG A 58 -23.53 -46.70 -14.96
CA ARG A 58 -22.29 -46.87 -14.20
C ARG A 58 -21.92 -45.61 -13.42
N GLY A 59 -21.62 -45.78 -12.14
CA GLY A 59 -21.27 -44.66 -11.25
C GLY A 59 -22.47 -44.09 -10.53
N ALA A 60 -23.64 -44.70 -10.73
CA ALA A 60 -24.88 -44.30 -10.09
C ALA A 60 -25.68 -45.52 -9.64
N PRO A 61 -26.26 -45.48 -8.43
CA PRO A 61 -27.15 -46.55 -7.97
C PRO A 61 -28.33 -46.71 -8.93
N GLU A 62 -28.78 -47.95 -9.11
CA GLU A 62 -29.84 -48.29 -10.08
C GLU A 62 -31.13 -47.47 -9.88
N GLY A 63 -31.80 -47.17 -10.99
CA GLY A 63 -32.96 -46.27 -10.97
C GLY A 63 -32.52 -44.86 -11.32
N GLN A 64 -31.46 -44.42 -10.66
CA GLN A 64 -30.79 -43.15 -10.96
C GLN A 64 -29.73 -43.35 -12.04
N GLY A 65 -29.57 -42.33 -12.89
CA GLY A 65 -28.65 -42.40 -14.02
C GLY A 65 -29.17 -41.61 -15.19
N ALA A 66 -28.24 -41.02 -15.95
CA ALA A 66 -28.57 -40.13 -17.07
C ALA A 66 -29.47 -40.78 -18.12
N LYS A 67 -30.35 -39.96 -18.70
CA LYS A 67 -31.30 -40.41 -19.70
C LYS A 67 -31.47 -39.39 -20.81
N VAL A 68 -31.59 -39.87 -22.05
CA VAL A 68 -31.88 -39.00 -23.19
C VAL A 68 -33.39 -39.00 -23.48
N THR A 69 -33.97 -37.80 -23.52
CA THR A 69 -35.42 -37.63 -23.66
C THR A 69 -35.84 -37.36 -25.11
N GLU A 70 -35.08 -36.51 -25.81
CA GLU A 70 -35.40 -36.16 -27.18
C GLU A 70 -34.31 -36.58 -28.17
N TRP A 71 -34.72 -36.91 -29.39
CA TRP A 71 -33.82 -37.34 -30.45
C TRP A 71 -34.14 -36.57 -31.75
N LYS A 72 -33.09 -36.04 -32.39
CA LYS A 72 -33.23 -35.29 -33.65
C LYS A 72 -31.90 -35.19 -34.40
N LEU A 73 -31.97 -35.29 -35.73
CA LEU A 73 -30.79 -35.23 -36.59
C LEU A 73 -30.80 -34.07 -37.59
N GLY A 74 -29.83 -34.06 -38.49
CA GLY A 74 -29.72 -33.06 -39.55
C GLY A 74 -28.64 -33.47 -40.55
N GLU A 75 -28.10 -32.48 -41.26
CA GLU A 75 -26.98 -32.73 -42.17
C GLU A 75 -25.64 -32.50 -41.47
N ASP A 76 -25.70 -32.14 -40.19
CA ASP A 76 -24.51 -31.91 -39.36
C ASP A 76 -24.85 -31.98 -37.87
N ARG A 77 -26.07 -31.58 -37.53
CA ARG A 77 -26.54 -31.55 -36.15
C ARG A 77 -27.07 -32.91 -35.68
N ILE A 78 -26.74 -33.26 -34.43
CA ILE A 78 -27.32 -34.44 -33.77
C ILE A 78 -27.79 -34.01 -32.38
N GLU A 79 -28.87 -33.23 -32.33
CA GLU A 79 -29.32 -32.64 -31.07
C GLU A 79 -30.07 -33.61 -30.16
N LEU A 80 -29.79 -33.50 -28.86
CA LEU A 80 -30.38 -34.37 -27.84
C LEU A 80 -30.74 -33.59 -26.58
N THR A 81 -31.74 -34.09 -25.86
CA THR A 81 -32.09 -33.57 -24.55
C THR A 81 -31.75 -34.62 -23.49
N LEU A 82 -30.98 -34.21 -22.49
CA LEU A 82 -30.54 -35.11 -21.43
C LEU A 82 -30.97 -34.61 -20.06
N GLN A 83 -31.40 -35.54 -19.20
CA GLN A 83 -31.69 -35.21 -17.80
C GLN A 83 -31.07 -36.21 -16.83
N SER A 84 -30.62 -35.70 -15.69
CA SER A 84 -29.92 -36.51 -14.70
C SER A 84 -30.08 -35.95 -13.29
N GLY A 85 -29.67 -36.73 -12.30
CA GLY A 85 -29.49 -36.25 -10.93
C GLY A 85 -28.05 -35.79 -10.74
N ARG A 86 -27.60 -35.79 -9.49
CA ARG A 86 -26.22 -35.41 -9.17
C ARG A 86 -25.24 -36.51 -9.59
N TYR A 87 -25.78 -37.72 -9.77
CA TYR A 87 -25.03 -38.88 -10.25
C TYR A 87 -25.13 -38.98 -11.77
N VAL A 88 -23.98 -39.13 -12.41
CA VAL A 88 -23.86 -39.15 -13.89
C VAL A 88 -24.52 -37.91 -14.49
N ARG A 89 -24.00 -36.75 -14.11
CA ARG A 89 -24.54 -35.46 -14.54
C ARG A 89 -24.54 -35.31 -16.05
N VAL A 90 -25.50 -34.54 -16.56
CA VAL A 90 -25.72 -34.40 -18.01
C VAL A 90 -24.47 -34.08 -18.81
N HIS A 91 -23.53 -33.35 -18.20
CA HIS A 91 -22.29 -32.98 -18.90
C HIS A 91 -21.26 -34.12 -18.91
N ASP A 92 -21.33 -35.00 -17.91
CA ASP A 92 -20.57 -36.25 -17.94
C ASP A 92 -21.24 -37.24 -18.90
N ALA A 93 -22.57 -37.20 -18.93
CA ALA A 93 -23.38 -38.04 -19.81
C ALA A 93 -23.08 -37.79 -21.29
N ILE A 94 -22.85 -36.52 -21.65
CA ILE A 94 -22.54 -36.16 -23.04
C ILE A 94 -21.13 -36.59 -23.45
N PHE A 95 -20.22 -36.74 -22.48
CA PHE A 95 -18.86 -37.21 -22.75
C PHE A 95 -18.80 -38.74 -22.81
N ARG A 96 -19.83 -39.41 -22.31
CA ARG A 96 -19.97 -40.86 -22.47
C ARG A 96 -20.47 -41.18 -23.87
N LEU A 97 -21.35 -40.32 -24.39
CA LEU A 97 -21.97 -40.48 -25.70
C LEU A 97 -21.11 -39.88 -26.81
N ARG A 98 -20.00 -39.23 -26.43
CA ARG A 98 -19.11 -38.60 -27.39
C ARG A 98 -18.14 -39.61 -28.01
N LYS A 99 -17.49 -40.41 -27.16
CA LYS A 99 -16.53 -41.43 -27.62
C LYS A 99 -17.23 -42.73 -28.08
N GLN A 100 -18.45 -42.93 -27.62
CA GLN A 100 -19.28 -44.04 -28.08
C GLN A 100 -19.69 -43.85 -29.53
N LEU A 101 -20.02 -42.61 -29.90
CA LEU A 101 -20.30 -42.24 -31.28
C LEU A 101 -19.03 -42.16 -32.13
N ALA A 102 -17.91 -41.83 -31.51
CA ALA A 102 -16.63 -41.70 -32.20
C ALA A 102 -16.07 -43.02 -32.71
N GLU A 103 -16.54 -44.14 -32.14
CA GLU A 103 -16.12 -45.46 -32.58
C GLU A 103 -17.21 -46.21 -33.36
N ALA A 104 -18.47 -45.86 -33.13
CA ALA A 104 -19.59 -46.43 -33.87
C ALA A 104 -19.68 -45.86 -35.28
N LEU A 105 -19.24 -44.62 -35.44
CA LEU A 105 -19.22 -43.93 -36.73
C LEU A 105 -17.78 -43.72 -37.24
N GLY A 106 -16.80 -44.26 -36.50
CA GLY A 106 -15.38 -44.03 -36.76
C GLY A 106 -14.87 -44.43 -38.14
N LYS A 107 -14.57 -45.71 -38.31
CA LYS A 107 -14.10 -46.23 -39.61
C LYS A 107 -15.23 -46.95 -40.36
N LYS A 108 -16.33 -47.20 -39.67
CA LYS A 108 -17.50 -47.87 -40.26
C LYS A 108 -18.40 -46.89 -41.03
N TYR A 109 -18.16 -45.58 -40.86
CA TYR A 109 -18.95 -44.55 -41.53
C TYR A 109 -18.12 -43.37 -42.05
N LYS A 110 -16.87 -43.28 -41.58
CA LYS A 110 -15.94 -42.19 -41.96
C LYS A 110 -16.29 -40.83 -41.35
N ILE A 111 -17.34 -40.79 -40.53
CA ILE A 111 -17.79 -39.55 -39.89
C ILE A 111 -17.27 -39.43 -38.44
N GLY A 112 -16.52 -38.35 -38.17
CA GLY A 112 -16.07 -38.02 -36.82
C GLY A 112 -16.70 -36.74 -36.32
N ILE A 113 -16.71 -36.57 -34.99
CA ILE A 113 -17.29 -35.37 -34.39
C ILE A 113 -16.32 -34.17 -34.48
N ARG A 114 -16.85 -32.97 -34.34
CA ARG A 114 -16.06 -31.74 -34.41
C ARG A 114 -16.15 -30.87 -33.15
N GLY A 115 -17.08 -31.22 -32.25
CA GLY A 115 -17.26 -30.49 -30.99
C GLY A 115 -18.68 -30.56 -30.45
N ILE A 116 -18.89 -29.95 -29.28
CA ILE A 116 -20.20 -29.89 -28.65
C ILE A 116 -20.66 -28.45 -28.47
N GLU A 117 -21.89 -28.16 -28.92
CA GLU A 117 -22.52 -26.85 -28.75
C GLU A 117 -23.76 -27.01 -27.89
N VAL A 118 -23.97 -26.06 -26.97
CA VAL A 118 -25.07 -26.11 -26.01
C VAL A 118 -26.08 -24.98 -26.28
N GLU A 119 -27.36 -25.33 -26.34
CA GLU A 119 -28.43 -24.33 -26.39
C GLU A 119 -28.83 -23.89 -24.99
N SER A 120 -29.18 -24.84 -24.14
CA SER A 120 -29.57 -24.56 -22.76
C SER A 120 -28.97 -25.54 -21.76
N PHE A 121 -28.58 -24.99 -20.62
CA PHE A 121 -28.11 -25.77 -19.48
C PHE A 121 -28.92 -25.29 -18.28
N ILE A 122 -29.87 -26.12 -17.84
CA ILE A 122 -30.83 -25.73 -16.81
C ILE A 122 -30.70 -26.65 -15.60
N ILE A 123 -30.56 -26.06 -14.41
CA ILE A 123 -30.48 -26.86 -13.18
C ILE A 123 -31.57 -26.48 -12.17
N LYS A 124 -32.25 -27.50 -11.67
CA LYS A 124 -33.22 -27.36 -10.58
C LYS A 124 -32.56 -27.74 -9.25
N VAL A 125 -32.49 -26.79 -8.31
CA VAL A 125 -31.85 -27.03 -7.02
C VAL A 125 -32.88 -26.92 -5.88
N PRO A 126 -32.99 -27.98 -5.05
CA PRO A 126 -33.91 -27.98 -3.91
C PRO A 126 -33.54 -26.96 -2.82
N ALA A 127 -34.54 -26.19 -2.39
CA ALA A 127 -34.38 -25.19 -1.33
C ALA A 127 -35.75 -24.90 -0.71
N ASP A 128 -35.84 -24.99 0.61
CA ASP A 128 -37.10 -24.76 1.32
C ASP A 128 -37.51 -23.28 1.35
N HIS A 129 -36.51 -22.41 1.40
CA HIS A 129 -36.71 -20.96 1.50
C HIS A 129 -36.67 -20.29 0.13
N GLU A 130 -36.87 -18.97 0.12
CA GLU A 130 -36.61 -18.14 -1.05
C GLU A 130 -35.22 -17.54 -0.88
N LEU A 131 -34.49 -17.36 -1.99
CA LEU A 131 -33.13 -16.84 -1.93
C LEU A 131 -32.93 -15.64 -2.85
N ARG A 132 -32.13 -14.68 -2.40
CA ARG A 132 -31.89 -13.43 -3.13
C ARG A 132 -31.28 -13.61 -4.52
N MET A 133 -31.35 -12.55 -5.32
CA MET A 133 -30.77 -12.54 -6.67
C MET A 133 -29.28 -12.21 -6.62
N LEU A 134 -28.46 -13.20 -6.96
CA LEU A 134 -27.01 -13.03 -6.98
C LEU A 134 -26.51 -13.01 -8.42
N LYS A 135 -25.50 -12.20 -8.68
CA LYS A 135 -24.81 -12.25 -9.97
C LYS A 135 -23.62 -13.21 -9.86
N VAL A 136 -23.63 -14.23 -10.71
CA VAL A 136 -22.62 -15.29 -10.71
C VAL A 136 -22.14 -15.51 -12.16
N PRO A 137 -20.82 -15.59 -12.36
CA PRO A 137 -20.13 -15.62 -13.66
C PRO A 137 -20.81 -16.38 -14.80
N TYR A 138 -21.18 -17.64 -14.58
CA TYR A 138 -21.74 -18.44 -15.68
C TYR A 138 -23.25 -18.66 -15.58
N ILE A 139 -23.88 -18.03 -14.59
CA ILE A 139 -25.35 -18.05 -14.46
C ILE A 139 -25.95 -16.89 -15.27
N LYS A 140 -26.69 -17.22 -16.33
CA LYS A 140 -27.30 -16.18 -17.17
C LYS A 140 -28.66 -15.70 -16.64
N SER A 141 -29.24 -16.44 -15.69
CA SER A 141 -30.41 -16.01 -14.93
C SER A 141 -30.75 -17.03 -13.86
N MET A 142 -31.20 -16.56 -12.70
CA MET A 142 -31.75 -17.43 -11.67
C MET A 142 -33.14 -16.97 -11.25
N GLU A 143 -34.02 -17.94 -10.96
CA GLU A 143 -35.40 -17.68 -10.56
C GLU A 143 -35.79 -18.61 -9.43
N ASN A 144 -36.64 -18.12 -8.53
CA ASN A 144 -37.27 -18.97 -7.52
C ASN A 144 -38.54 -19.64 -8.05
N ILE A 145 -38.63 -20.96 -7.90
CA ILE A 145 -39.79 -21.72 -8.39
C ILE A 145 -40.45 -22.51 -7.24
N GLU A 146 -41.28 -23.49 -7.62
CA GLU A 146 -42.05 -24.33 -6.70
C GLU A 146 -41.25 -24.91 -5.53
N GLY A 147 -40.12 -25.56 -5.83
CA GLY A 147 -39.38 -26.30 -4.84
C GLY A 147 -37.99 -25.79 -4.46
N GLY A 148 -37.52 -24.74 -5.15
CA GLY A 148 -36.22 -24.16 -4.85
C GLY A 148 -35.79 -23.06 -5.81
N ILE A 149 -34.73 -23.33 -6.58
CA ILE A 149 -34.20 -22.36 -7.53
C ILE A 149 -33.88 -23.02 -8.88
N GLN A 150 -34.11 -22.26 -9.95
CA GLN A 150 -33.71 -22.67 -11.29
C GLN A 150 -32.53 -21.81 -11.73
N LEU A 151 -31.56 -22.42 -12.40
CA LEU A 151 -30.39 -21.71 -12.89
C LEU A 151 -30.20 -21.95 -14.37
N GLU A 152 -30.29 -20.87 -15.15
CA GLU A 152 -29.97 -20.94 -16.58
C GLU A 152 -28.50 -20.58 -16.74
N LEU A 153 -27.71 -21.50 -17.29
CA LEU A 153 -26.27 -21.31 -17.39
C LEU A 153 -25.80 -20.94 -18.80
N GLU A 154 -24.68 -20.25 -18.87
CA GLU A 154 -24.10 -19.77 -20.13
C GLU A 154 -22.78 -20.51 -20.38
N VAL A 155 -22.89 -21.82 -20.63
CA VAL A 155 -21.72 -22.68 -20.78
C VAL A 155 -21.56 -23.31 -22.17
N GLY A 156 -20.31 -23.40 -22.63
CA GLY A 156 -19.96 -24.16 -23.82
C GLY A 156 -19.29 -25.48 -23.44
N GLU A 157 -18.52 -26.03 -24.38
CA GLU A 157 -17.84 -27.32 -24.19
C GLU A 157 -16.71 -27.20 -23.18
N ALA A 158 -15.88 -26.16 -23.34
CA ALA A 158 -14.74 -25.90 -22.46
C ALA A 158 -15.16 -25.77 -20.99
N GLU A 159 -16.24 -25.04 -20.77
CA GLU A 159 -16.76 -24.79 -19.41
C GLU A 159 -17.27 -26.04 -18.72
N MET A 160 -17.74 -27.01 -19.50
CA MET A 160 -18.22 -28.28 -18.94
C MET A 160 -17.07 -29.19 -18.50
N LYS A 161 -16.01 -29.25 -19.32
CA LYS A 161 -14.81 -30.05 -19.01
C LYS A 161 -14.11 -29.53 -17.76
N ASN A 162 -14.22 -28.23 -17.52
CA ASN A 162 -13.59 -27.58 -16.36
C ASN A 162 -14.37 -27.64 -15.06
N ARG A 163 -15.56 -28.26 -15.07
CA ARG A 163 -16.39 -28.43 -13.86
C ARG A 163 -17.15 -27.17 -13.45
N VAL A 164 -17.38 -26.26 -14.39
CA VAL A 164 -18.09 -25.00 -14.08
C VAL A 164 -19.50 -25.23 -13.50
N PRO A 165 -20.31 -26.10 -14.13
CA PRO A 165 -21.60 -26.48 -13.53
C PRO A 165 -21.48 -27.06 -12.12
N ASP A 166 -20.39 -27.77 -11.85
CA ASP A 166 -20.17 -28.43 -10.57
C ASP A 166 -19.85 -27.41 -9.48
N ARG A 167 -18.99 -26.45 -9.80
CA ARG A 167 -18.61 -25.40 -8.86
C ARG A 167 -19.74 -24.41 -8.59
N ILE A 168 -20.58 -24.18 -9.60
CA ILE A 168 -21.78 -23.36 -9.47
C ILE A 168 -22.78 -24.06 -8.54
N LEU A 169 -23.02 -25.34 -8.79
CA LEU A 169 -23.88 -26.14 -7.92
C LEU A 169 -23.38 -26.07 -6.48
N THR A 170 -22.08 -26.32 -6.30
CA THR A 170 -21.44 -26.24 -4.99
C THR A 170 -21.71 -24.90 -4.30
N LEU A 171 -21.56 -23.80 -5.04
CA LEU A 171 -21.72 -22.46 -4.49
C LEU A 171 -23.13 -22.23 -3.96
N LEU A 172 -24.13 -22.57 -4.77
CA LEU A 172 -25.52 -22.38 -4.41
C LEU A 172 -25.98 -23.25 -3.27
N GLU A 173 -25.44 -24.47 -3.19
CA GLU A 173 -25.72 -25.38 -2.09
C GLU A 173 -25.15 -24.86 -0.77
N GLU A 174 -23.99 -24.21 -0.85
CA GLU A 174 -23.36 -23.59 0.31
C GLU A 174 -24.26 -22.49 0.86
N LYS A 175 -24.85 -21.70 -0.05
CA LYS A 175 -25.74 -20.61 0.32
C LYS A 175 -27.08 -21.08 0.83
N ILE A 176 -27.59 -22.18 0.28
CA ILE A 176 -28.86 -22.78 0.69
C ILE A 176 -28.77 -23.39 2.10
N GLU A 177 -27.64 -24.01 2.40
CA GLU A 177 -27.42 -24.65 3.70
C GLU A 177 -26.98 -23.68 4.79
N ALA A 178 -26.48 -22.50 4.36
CA ALA A 178 -26.12 -21.43 5.29
C ALA A 178 -27.36 -20.64 5.71
N ALA A 179 -28.27 -20.45 4.75
CA ALA A 179 -29.54 -19.78 4.99
C ALA A 179 -30.43 -20.57 5.95
N GLN A 180 -30.34 -21.89 5.88
CA GLN A 180 -31.15 -22.77 6.74
C GLN A 180 -30.62 -22.85 8.17
N TYR A 181 -29.30 -22.96 8.31
CA TYR A 181 -28.68 -23.17 9.63
C TYR A 181 -28.18 -21.89 10.31
N GLY A 182 -28.19 -20.78 9.57
CA GLY A 182 -27.72 -19.50 10.10
C GLY A 182 -26.22 -19.36 10.08
N ALA A 183 -25.70 -18.40 10.85
CA ALA A 183 -24.26 -18.11 10.90
C ALA A 183 -23.66 -18.45 12.27
N LYS A 184 -23.62 -19.74 12.57
CA LYS A 184 -23.05 -20.23 13.85
C LYS A 184 -21.52 -20.25 13.79
N ALA A 185 -20.91 -19.18 14.29
CA ALA A 185 -19.46 -19.02 14.25
C ALA A 185 -18.90 -18.27 15.46
N GLU A 186 -18.99 -18.91 16.63
CA GLU A 186 -18.43 -18.40 17.88
C GLU A 186 -18.20 -19.54 18.86
N HIS A 187 -17.01 -20.15 18.79
CA HIS A 187 -16.66 -21.25 19.68
C HIS A 187 -15.56 -20.82 20.66
N TRP A 188 -15.97 -20.48 21.89
CA TRP A 188 -15.07 -19.89 22.89
C TRP A 188 -15.08 -20.73 24.15
N ASN A 189 -13.90 -21.20 24.56
CA ASN A 189 -13.74 -21.97 25.80
C ASN A 189 -12.52 -21.52 26.59
N LEU A 190 -12.76 -20.99 27.79
CA LEU A 190 -11.71 -20.48 28.65
C LEU A 190 -10.74 -21.58 29.06
N LEU A 191 -9.45 -21.25 29.05
CA LEU A 191 -8.41 -22.22 29.43
C LEU A 191 -7.78 -21.87 30.77
N TRP A 192 -7.36 -20.62 30.93
CA TRP A 192 -6.69 -20.19 32.15
C TRP A 192 -6.94 -18.71 32.40
N GLN A 193 -7.08 -18.34 33.67
CA GLN A 193 -7.20 -16.92 34.04
C GLN A 193 -6.44 -16.55 35.30
N ARG A 194 -5.61 -15.52 35.17
CA ARG A 194 -4.91 -14.90 36.30
C ARG A 194 -5.89 -14.39 37.36
N GLU A 195 -5.49 -14.47 38.62
CA GLU A 195 -6.30 -13.94 39.74
C GLU A 195 -6.42 -12.41 39.65
N PRO A 196 -7.58 -11.84 40.02
CA PRO A 196 -7.79 -10.40 39.85
C PRO A 196 -6.74 -9.52 40.55
N MET A 197 -6.44 -8.37 39.95
CA MET A 197 -5.42 -7.45 40.45
C MET A 197 -5.97 -6.07 40.74
N GLU A 198 -5.32 -5.36 41.65
CA GLU A 198 -5.61 -3.95 41.93
C GLU A 198 -5.28 -3.12 40.68
N HIS A 199 -6.25 -2.33 40.22
CA HIS A 199 -6.08 -1.48 39.05
C HIS A 199 -6.13 0.01 39.42
N PRO A 200 -4.97 0.58 39.82
CA PRO A 200 -4.91 1.97 40.28
C PRO A 200 -5.06 2.98 39.17
N PHE A 201 -4.86 2.54 37.93
CA PHE A 201 -4.92 3.42 36.77
C PHE A 201 -6.13 3.10 35.91
N LYS A 202 -7.00 4.08 35.70
CA LYS A 202 -8.28 3.86 35.01
C LYS A 202 -8.54 4.79 33.83
N GLU A 203 -7.47 5.40 33.33
CA GLU A 203 -7.54 6.29 32.18
C GLU A 203 -7.36 5.47 30.88
N ASP A 204 -8.04 5.90 29.80
CA ASP A 204 -7.79 5.38 28.45
C ASP A 204 -6.35 5.75 28.11
N PRO A 205 -5.50 4.73 27.86
CA PRO A 205 -4.06 4.95 27.69
C PRO A 205 -3.66 5.78 26.47
N THR A 206 -4.44 5.73 25.39
CA THR A 206 -4.08 6.51 24.20
C THR A 206 -4.54 7.95 24.33
N GLN A 207 -5.63 8.12 25.07
CA GLN A 207 -6.08 9.45 25.46
C GLN A 207 -5.06 10.11 26.39
N ALA A 208 -4.49 9.34 27.31
CA ALA A 208 -3.39 9.80 28.19
C ALA A 208 -2.17 10.22 27.40
N MET A 209 -1.71 9.29 26.54
CA MET A 209 -0.56 9.46 25.65
C MET A 209 -0.67 10.68 24.73
N MET A 210 -1.86 10.87 24.15
CA MET A 210 -2.15 12.12 23.44
C MET A 210 -1.97 13.33 24.35
N LYS A 211 -2.52 13.25 25.55
CA LYS A 211 -2.43 14.41 26.47
C LYS A 211 -0.99 14.65 26.92
N GLU A 212 -0.19 13.58 26.99
CA GLU A 212 1.18 13.72 27.51
C GLU A 212 2.29 13.71 26.43
N GLY A 213 1.90 13.78 25.16
CA GLY A 213 2.83 14.05 24.06
C GLY A 213 3.59 12.82 23.61
N TRP A 214 3.04 11.64 23.92
CA TRP A 214 3.63 10.37 23.51
C TRP A 214 3.39 10.07 22.06
N LEU A 215 2.23 10.50 21.55
CA LEU A 215 1.86 10.25 20.15
C LEU A 215 0.77 11.21 19.64
N LYS A 216 0.53 11.17 18.34
CA LYS A 216 -0.52 11.96 17.69
C LYS A 216 -1.11 11.08 16.62
N ARG A 217 -2.34 11.39 16.20
CA ARG A 217 -2.97 10.72 15.07
C ARG A 217 -2.24 11.03 13.79
N GLY A 218 -2.01 10.02 12.96
CA GLY A 218 -1.52 10.22 11.60
C GLY A 218 -2.66 10.70 10.71
N SER A 219 -2.33 11.15 9.51
CA SER A 219 -3.32 11.66 8.59
C SER A 219 -4.39 10.64 8.18
N SER A 220 -3.98 9.37 8.09
CA SER A 220 -4.84 8.29 7.60
C SER A 220 -5.73 7.69 8.69
N ARG A 221 -6.82 7.07 8.27
CA ARG A 221 -7.77 6.43 9.17
C ARG A 221 -7.07 5.44 10.10
N GLY A 222 -7.45 5.46 11.37
CA GLY A 222 -6.96 4.49 12.37
C GLY A 222 -5.45 4.37 12.35
N GLN A 223 -4.79 5.53 12.33
CA GLN A 223 -3.35 5.59 12.13
C GLN A 223 -2.69 6.54 13.12
N TRP A 224 -1.47 6.21 13.53
CA TRP A 224 -0.80 6.92 14.61
C TRP A 224 0.66 7.18 14.28
N ILE A 225 1.19 8.29 14.79
CA ILE A 225 2.60 8.63 14.72
C ILE A 225 3.09 8.57 16.15
N HIS A 226 4.16 7.83 16.38
CA HIS A 226 4.63 7.63 17.73
C HIS A 226 5.84 8.50 18.00
N GLY A 227 5.69 9.45 18.92
CA GLY A 227 6.81 10.26 19.42
C GLY A 227 7.79 9.35 20.14
N PRO A 228 8.96 9.88 20.54
CA PRO A 228 10.02 9.03 21.11
C PRO A 228 9.58 8.16 22.29
N GLN A 229 8.71 8.69 23.14
CA GLN A 229 8.26 7.98 24.35
C GLN A 229 7.52 6.70 24.04
N SER A 230 6.57 6.79 23.11
CA SER A 230 5.78 5.65 22.66
C SER A 230 6.63 4.65 21.85
N ALA A 231 7.53 5.18 21.02
CA ALA A 231 8.40 4.34 20.20
C ALA A 231 9.28 3.48 21.09
N ARG A 232 9.72 4.06 22.21
CA ARG A 232 10.54 3.36 23.20
C ARG A 232 9.83 2.13 23.76
N ILE A 233 8.52 2.25 23.96
CA ILE A 233 7.71 1.20 24.54
C ILE A 233 7.55 0.06 23.54
N PHE A 234 7.32 0.43 22.28
CA PHE A 234 7.20 -0.53 21.18
C PHE A 234 8.50 -1.30 21.01
N ARG A 235 9.62 -0.59 21.02
CA ARG A 235 10.92 -1.22 20.89
C ARG A 235 11.33 -2.03 22.12
N THR A 236 10.78 -1.69 23.29
CA THR A 236 11.04 -2.50 24.48
C THR A 236 10.29 -3.84 24.39
N PHE A 237 9.07 -3.81 23.86
CA PHE A 237 8.31 -5.03 23.67
C PHE A 237 9.00 -5.95 22.66
N GLU A 238 9.48 -5.34 21.58
CA GLU A 238 10.17 -6.05 20.51
C GLU A 238 11.43 -6.72 21.05
N LYS A 239 12.21 -5.97 21.82
CA LYS A 239 13.40 -6.48 22.50
C LYS A 239 13.06 -7.68 23.40
N ILE A 240 11.99 -7.59 24.18
CA ILE A 240 11.55 -8.70 25.04
C ILE A 240 11.23 -9.96 24.24
N VAL A 241 10.51 -9.78 23.13
CA VAL A 241 10.13 -10.92 22.28
C VAL A 241 11.38 -11.59 21.69
N LEU A 242 12.32 -10.76 21.25
CA LEU A 242 13.59 -11.28 20.75
C LEU A 242 14.35 -12.06 21.81
N GLU A 243 14.51 -11.47 22.99
CA GLU A 243 15.42 -12.00 24.00
C GLU A 243 14.84 -13.15 24.82
N GLU A 244 13.55 -13.12 25.06
CA GLU A 244 12.91 -14.06 25.99
C GLU A 244 12.16 -15.16 25.25
N LEU A 245 11.98 -14.98 23.94
CA LEU A 245 11.22 -15.92 23.12
C LEU A 245 11.98 -16.40 21.89
N LEU A 246 12.34 -15.50 20.98
CA LEU A 246 12.88 -15.90 19.68
C LEU A 246 14.28 -16.55 19.75
N GLU A 247 15.21 -15.89 20.43
CA GLU A 247 16.56 -16.43 20.60
C GLU A 247 16.59 -17.79 21.34
N PRO A 248 16.01 -17.86 22.56
CA PRO A 248 16.09 -19.14 23.29
C PRO A 248 15.32 -20.30 22.63
N LEU A 249 14.37 -20.01 21.76
CA LEU A 249 13.66 -21.06 21.03
C LEU A 249 14.26 -21.31 19.64
N GLY A 250 15.27 -20.53 19.29
CA GLY A 250 16.02 -20.71 18.05
C GLY A 250 15.32 -20.28 16.77
N TYR A 251 14.53 -19.21 16.83
CA TYR A 251 13.88 -18.64 15.64
C TYR A 251 14.87 -17.82 14.83
N ARG A 252 14.78 -17.91 13.51
CA ARG A 252 15.70 -17.16 12.64
C ARG A 252 14.97 -16.03 11.95
N GLU A 253 15.60 -14.86 11.93
CA GLU A 253 14.98 -13.72 11.28
C GLU A 253 14.99 -13.87 9.78
N MET A 254 13.85 -13.58 9.18
CA MET A 254 13.75 -13.40 7.75
C MET A 254 13.12 -12.05 7.47
N ILE A 255 12.92 -11.71 6.20
CA ILE A 255 12.20 -10.51 5.83
C ILE A 255 11.10 -10.87 4.82
N PHE A 256 9.84 -10.74 5.23
CA PHE A 256 8.71 -11.05 4.37
C PHE A 256 8.26 -9.81 3.57
N PRO A 257 7.89 -10.01 2.28
CA PRO A 257 7.27 -8.94 1.48
C PRO A 257 6.02 -8.30 2.14
N LYS A 258 5.72 -7.06 1.77
CA LYS A 258 4.58 -6.34 2.39
C LYS A 258 3.49 -5.96 1.40
N LEU A 259 3.85 -5.71 0.14
CA LEU A 259 2.89 -5.64 -0.93
C LEU A 259 2.56 -7.09 -1.26
N VAL A 260 1.28 -7.45 -1.16
CA VAL A 260 0.86 -8.82 -1.34
C VAL A 260 -0.03 -8.94 -2.57
N THR A 261 0.31 -9.88 -3.46
CA THR A 261 -0.37 -10.04 -4.75
C THR A 261 -1.48 -11.07 -4.64
N TRP A 262 -2.39 -11.05 -5.61
CA TRP A 262 -3.47 -12.04 -5.66
C TRP A 262 -2.98 -13.48 -5.61
N GLU A 263 -1.90 -13.79 -6.34
CA GLU A 263 -1.41 -15.17 -6.37
C GLU A 263 -1.11 -15.72 -4.96
N VAL A 264 -0.52 -14.89 -4.12
CA VAL A 264 -0.25 -15.26 -2.73
C VAL A 264 -1.53 -15.55 -1.94
N TRP A 265 -2.52 -14.68 -2.07
CA TRP A 265 -3.78 -14.84 -1.33
C TRP A 265 -4.66 -15.95 -1.89
N MET A 266 -4.54 -16.20 -3.18
CA MET A 266 -5.17 -17.38 -3.78
C MET A 266 -4.66 -18.67 -3.13
N LYS A 267 -3.36 -18.76 -2.90
CA LYS A 267 -2.77 -19.97 -2.32
C LYS A 267 -3.00 -20.10 -0.80
N SER A 268 -3.16 -18.97 -0.11
CA SER A 268 -3.42 -18.98 1.34
C SER A 268 -4.88 -19.18 1.72
N GLY A 269 -5.79 -18.94 0.78
CA GLY A 269 -7.22 -19.00 1.03
C GLY A 269 -7.88 -17.66 1.36
N HIS A 270 -7.10 -16.58 1.40
CA HIS A 270 -7.67 -15.26 1.64
C HIS A 270 -8.52 -14.74 0.47
N ALA A 271 -8.19 -15.14 -0.76
CA ALA A 271 -8.96 -14.75 -1.93
C ALA A 271 -10.40 -15.26 -1.85
N LYS A 272 -10.71 -16.02 -0.82
CA LYS A 272 -12.07 -16.52 -0.62
C LYS A 272 -12.97 -15.53 0.11
N GLY A 273 -12.39 -14.61 0.88
CA GLY A 273 -13.20 -13.66 1.63
C GLY A 273 -12.61 -12.49 2.41
N VAL A 274 -11.36 -12.11 2.17
CA VAL A 274 -10.79 -10.95 2.91
C VAL A 274 -11.19 -9.59 2.37
N TYR A 275 -11.76 -9.59 1.17
CA TYR A 275 -12.09 -8.36 0.44
C TYR A 275 -12.61 -7.17 1.27
N PRO A 276 -13.58 -7.38 2.18
CA PRO A 276 -14.08 -6.21 2.95
C PRO A 276 -13.03 -5.52 3.82
N GLU A 277 -11.94 -6.20 4.15
CA GLU A 277 -11.04 -5.66 5.17
C GLU A 277 -9.69 -5.19 4.67
N ILE A 278 -9.47 -5.24 3.37
CA ILE A 278 -8.14 -4.95 2.89
C ILE A 278 -8.03 -3.59 2.25
N TYR A 279 -6.81 -3.05 2.34
CA TYR A 279 -6.44 -1.85 1.63
C TYR A 279 -5.81 -2.23 0.29
N TYR A 280 -6.50 -1.88 -0.79
CA TYR A 280 -6.11 -2.30 -2.15
C TYR A 280 -4.96 -1.49 -2.72
N VAL A 281 -4.13 -2.16 -3.53
CA VAL A 281 -2.98 -1.51 -4.11
C VAL A 281 -3.10 -1.53 -5.63
N CYS A 282 -2.95 -0.36 -6.23
CA CYS A 282 -3.02 -0.23 -7.67
C CYS A 282 -1.78 0.44 -8.19
N PRO A 283 -1.15 -0.15 -9.22
CA PRO A 283 -0.05 0.55 -9.89
C PRO A 283 -0.64 1.57 -10.85
N PRO A 284 0.16 2.55 -11.31
CA PRO A 284 -0.27 3.40 -12.42
C PRO A 284 -0.41 2.57 -13.68
N GLN A 285 -1.36 2.91 -14.55
CA GLN A 285 -1.42 2.23 -15.85
C GLN A 285 -0.11 2.40 -16.63
N THR A 286 0.57 3.52 -16.43
CA THR A 286 1.89 3.75 -17.03
C THR A 286 2.80 4.69 -16.21
N ARG A 287 4.12 4.51 -16.39
CA ARG A 287 5.17 5.37 -15.85
C ARG A 287 5.31 6.68 -16.62
N ASP A 288 4.64 6.74 -17.77
CA ASP A 288 4.83 7.83 -18.73
C ASP A 288 4.31 9.16 -18.20
N PRO A 289 5.23 10.11 -17.92
CA PRO A 289 4.90 11.45 -17.38
C PRO A 289 3.84 12.21 -18.16
N ASP A 290 3.76 11.99 -19.47
CA ASP A 290 2.75 12.68 -20.29
C ASP A 290 1.32 12.28 -19.93
N TYR A 291 1.18 11.05 -19.45
CA TYR A 291 -0.10 10.50 -19.02
C TYR A 291 -0.54 11.14 -17.71
N TRP A 292 0.42 11.61 -16.93
CA TRP A 292 0.15 12.15 -15.59
C TRP A 292 0.22 13.66 -15.52
N GLU A 293 0.52 14.31 -16.63
CA GLU A 293 0.64 15.77 -16.67
C GLU A 293 -0.68 16.46 -16.30
N GLU A 294 -1.79 15.90 -16.76
CA GLU A 294 -3.11 16.46 -16.52
C GLU A 294 -3.47 16.48 -15.02
N VAL A 295 -3.15 15.38 -14.33
CA VAL A 295 -3.31 15.29 -12.88
C VAL A 295 -2.46 16.35 -12.17
N ALA A 296 -1.17 16.39 -12.50
CA ALA A 296 -0.23 17.35 -11.89
C ALA A 296 -0.62 18.81 -12.14
N ASP A 297 -1.03 19.12 -13.36
CA ASP A 297 -1.43 20.48 -13.71
C ASP A 297 -2.68 20.88 -12.96
N TYR A 298 -3.63 19.95 -12.85
CA TYR A 298 -4.87 20.20 -12.13
C TYR A 298 -4.58 20.54 -10.68
N TYR A 299 -3.72 19.73 -10.04
CA TYR A 299 -3.36 19.99 -8.66
C TYR A 299 -2.71 21.35 -8.49
N LYS A 300 -1.74 21.66 -9.34
CA LYS A 300 -0.95 22.90 -9.21
C LYS A 300 -1.75 24.18 -9.41
N VAL A 301 -2.90 24.08 -10.06
CA VAL A 301 -3.74 25.25 -10.29
C VAL A 301 -4.85 25.37 -9.25
N THR A 302 -5.45 24.24 -8.88
CA THR A 302 -6.60 24.23 -7.96
C THR A 302 -6.22 23.99 -6.50
N HIS A 303 -5.07 23.34 -6.29
CA HIS A 303 -4.64 22.79 -4.98
C HIS A 303 -5.62 21.74 -4.44
N GLU A 304 -6.26 21.04 -5.36
CA GLU A 304 -7.10 19.91 -5.07
C GLU A 304 -6.54 18.74 -5.87
N VAL A 305 -6.34 17.59 -5.22
CA VAL A 305 -5.90 16.41 -5.96
C VAL A 305 -7.14 15.74 -6.58
N PRO A 306 -7.14 15.54 -7.92
CA PRO A 306 -8.30 15.01 -8.60
C PRO A 306 -8.37 13.49 -8.44
N THR A 307 -8.95 13.06 -7.33
CA THR A 307 -8.93 11.65 -6.95
C THR A 307 -9.82 10.81 -7.87
N LYS A 308 -10.89 11.41 -8.39
CA LYS A 308 -11.77 10.72 -9.34
C LYS A 308 -11.04 10.43 -10.65
N LEU A 309 -10.27 11.40 -11.12
CA LEU A 309 -9.51 11.27 -12.35
C LEU A 309 -8.34 10.29 -12.19
N ILE A 310 -7.69 10.36 -11.02
CA ILE A 310 -6.61 9.42 -10.68
C ILE A 310 -7.12 7.99 -10.66
N LYS A 311 -8.35 7.79 -10.15
CA LYS A 311 -8.91 6.43 -10.12
C LYS A 311 -9.07 5.84 -11.52
N GLU A 312 -9.51 6.68 -12.48
CA GLU A 312 -9.58 6.28 -13.88
C GLU A 312 -8.19 5.91 -14.41
N LYS A 313 -7.18 6.66 -13.97
CA LYS A 313 -5.82 6.54 -14.51
C LYS A 313 -4.98 5.41 -13.93
N ILE A 314 -5.28 4.96 -12.72
CA ILE A 314 -4.56 3.83 -12.13
C ILE A 314 -5.08 2.49 -12.63
N ALA A 315 -4.31 1.43 -12.43
CA ALA A 315 -4.70 0.12 -12.92
C ALA A 315 -5.63 -0.59 -11.95
N GLU A 316 -6.18 -1.72 -12.38
CA GLU A 316 -6.90 -2.64 -11.50
C GLU A 316 -5.95 -3.10 -10.40
N PRO A 317 -6.47 -3.36 -9.19
CA PRO A 317 -5.54 -3.68 -8.10
C PRO A 317 -4.81 -5.02 -8.32
N ILE A 318 -3.52 -5.05 -7.99
CA ILE A 318 -2.69 -6.28 -8.10
C ILE A 318 -2.71 -7.12 -6.82
N GLY A 319 -3.31 -6.57 -5.77
CA GLY A 319 -3.39 -7.17 -4.45
C GLY A 319 -3.65 -6.08 -3.41
N GLY A 320 -3.13 -6.25 -2.20
CA GLY A 320 -3.32 -5.29 -1.15
C GLY A 320 -2.12 -5.09 -0.26
N MET A 321 -2.29 -4.27 0.77
CA MET A 321 -1.24 -4.09 1.75
C MET A 321 -1.25 -5.31 2.66
N CYS A 322 -0.10 -5.57 3.28
CA CYS A 322 0.07 -6.71 4.16
C CYS A 322 -1.11 -6.84 5.14
N TYR A 323 -1.77 -7.99 5.11
CA TYR A 323 -2.95 -8.27 5.93
C TYR A 323 -2.71 -9.23 7.10
N ALA A 324 -2.29 -10.46 6.80
CA ALA A 324 -1.98 -11.47 7.81
C ALA A 324 -0.47 -11.59 8.04
N GLN A 325 0.33 -11.18 7.05
CA GLN A 325 1.79 -11.04 7.18
C GLN A 325 2.59 -12.31 6.83
N CYS A 326 2.13 -13.49 7.25
CA CYS A 326 2.85 -14.74 6.89
C CYS A 326 2.63 -15.23 5.45
N PRO A 327 1.43 -15.02 4.86
CA PRO A 327 1.24 -15.54 3.51
C PRO A 327 2.38 -15.25 2.50
N PRO A 328 2.85 -14.00 2.39
CA PRO A 328 3.92 -13.72 1.44
C PRO A 328 5.21 -14.49 1.71
N PHE A 329 5.40 -14.93 2.95
CA PHE A 329 6.57 -15.74 3.27
C PHE A 329 6.57 -17.09 2.52
N TRP A 330 5.39 -17.69 2.38
CA TRP A 330 5.23 -19.04 1.84
C TRP A 330 5.69 -19.24 0.38
N MET A 331 5.82 -18.13 -0.35
CA MET A 331 6.42 -18.13 -1.68
C MET A 331 7.90 -18.49 -1.62
N TYR A 332 8.50 -18.38 -0.44
CA TYR A 332 9.88 -18.82 -0.22
C TYR A 332 10.02 -20.35 -0.25
N VAL A 333 8.98 -21.06 0.17
CA VAL A 333 9.03 -22.51 0.26
C VAL A 333 8.10 -23.17 -0.75
N ALA A 334 7.32 -22.36 -1.48
CA ALA A 334 6.32 -22.84 -2.44
C ALA A 334 6.91 -23.83 -3.45
N GLY A 335 6.27 -24.99 -3.58
CA GLY A 335 6.72 -26.02 -4.53
C GLY A 335 8.05 -26.69 -4.22
N GLU A 336 8.62 -26.41 -3.04
CA GLU A 336 9.88 -27.04 -2.64
C GLU A 336 9.62 -28.29 -1.81
N THR A 337 10.68 -29.06 -1.62
CA THR A 337 10.66 -30.21 -0.74
C THR A 337 11.73 -29.98 0.31
N LEU A 338 11.33 -30.13 1.58
CA LEU A 338 12.24 -29.93 2.72
C LEU A 338 12.85 -31.26 3.22
N PRO A 339 14.19 -31.36 3.26
CA PRO A 339 14.84 -32.51 3.92
C PRO A 339 14.40 -32.58 5.37
N ASN A 340 14.32 -33.80 5.94
CA ASN A 340 13.87 -33.97 7.32
C ASN A 340 14.78 -33.30 8.34
N GLU A 341 16.05 -33.14 7.97
CA GLU A 341 17.01 -32.39 8.77
C GLU A 341 16.60 -30.94 8.98
N GLU A 342 15.91 -30.35 8.00
CA GLU A 342 15.58 -28.90 8.04
C GLU A 342 14.41 -28.52 8.93
N ILE A 343 13.63 -29.50 9.36
CA ILE A 343 12.46 -29.21 10.17
C ILE A 343 12.70 -29.47 11.68
N PRO A 344 12.06 -28.68 12.56
CA PRO A 344 11.13 -27.59 12.21
C PRO A 344 11.83 -26.35 11.64
N VAL A 345 11.16 -25.69 10.70
CA VAL A 345 11.60 -24.40 10.22
C VAL A 345 10.93 -23.36 11.12
N LYS A 346 11.73 -22.68 11.94
CA LYS A 346 11.26 -21.67 12.91
C LYS A 346 11.70 -20.27 12.52
N VAL A 347 10.74 -19.46 12.12
CA VAL A 347 11.07 -18.23 11.46
C VAL A 347 10.20 -17.06 11.97
N PHE A 348 10.71 -15.83 11.85
CA PHE A 348 9.99 -14.64 12.26
C PHE A 348 10.31 -13.41 11.40
N ASP A 349 9.34 -12.51 11.31
CA ASP A 349 9.45 -11.28 10.52
C ASP A 349 9.03 -10.07 11.34
N ARG A 350 9.76 -8.97 11.20
CA ARG A 350 9.40 -7.70 11.83
C ARG A 350 9.78 -6.55 10.92
N SER A 351 9.43 -6.65 9.64
CA SER A 351 9.96 -5.71 8.64
C SER A 351 8.99 -4.64 8.18
N GLY A 352 7.80 -4.59 8.78
CA GLY A 352 6.89 -3.51 8.45
C GLY A 352 5.45 -3.65 8.90
N THR A 353 4.63 -2.77 8.34
CA THR A 353 3.29 -2.57 8.84
C THR A 353 2.29 -3.50 8.17
N SER A 354 1.23 -3.80 8.92
CA SER A 354 0.06 -4.47 8.42
C SER A 354 -1.10 -3.45 8.37
N HIS A 355 -2.08 -3.70 7.50
CA HIS A 355 -3.18 -2.77 7.29
C HIS A 355 -4.47 -3.51 7.09
N ARG A 356 -5.54 -2.91 7.59
CA ARG A 356 -6.83 -3.54 7.79
C ARG A 356 -7.88 -2.41 7.87
N TYR A 357 -8.99 -2.56 7.16
CA TYR A 357 -10.07 -1.59 7.25
C TYR A 357 -11.00 -1.99 8.38
N GLU A 358 -10.75 -1.44 9.57
CA GLU A 358 -11.52 -1.79 10.77
C GLU A 358 -12.93 -1.23 10.74
N SER A 359 -13.81 -1.91 11.46
CA SER A 359 -15.15 -1.43 11.75
C SER A 359 -15.06 -0.02 12.31
N GLY A 360 -16.06 0.81 11.96
CA GLY A 360 -15.96 2.26 12.04
C GLY A 360 -15.96 2.90 13.42
N GLY A 361 -15.89 4.22 13.43
CA GLY A 361 -15.71 4.98 14.64
C GLY A 361 -14.24 5.13 14.95
N ILE A 362 -13.86 6.25 15.51
CA ILE A 362 -12.50 6.45 15.97
C ILE A 362 -12.21 5.61 17.23
N HIS A 363 -11.03 5.02 17.28
CA HIS A 363 -10.58 4.30 18.47
C HIS A 363 -9.20 4.82 18.84
N GLY A 364 -8.67 4.36 19.97
CA GLY A 364 -7.26 4.56 20.26
C GLY A 364 -6.43 3.45 19.59
N ILE A 365 -5.26 3.17 20.14
CA ILE A 365 -4.35 2.17 19.58
C ILE A 365 -4.86 0.73 19.70
N GLU A 366 -5.90 0.52 20.50
CA GLU A 366 -6.51 -0.81 20.69
C GLU A 366 -7.14 -1.37 19.43
N ARG A 367 -7.39 -0.51 18.46
CA ARG A 367 -8.02 -0.92 17.22
C ARG A 367 -7.68 0.06 16.11
N VAL A 368 -6.65 -0.26 15.36
CA VAL A 368 -6.09 0.63 14.37
C VAL A 368 -6.16 0.01 12.96
N ASP A 369 -5.99 0.85 11.94
CA ASP A 369 -5.97 0.40 10.55
C ASP A 369 -4.54 0.12 10.07
N GLU A 370 -3.56 0.63 10.80
CA GLU A 370 -2.15 0.41 10.53
C GLU A 370 -1.48 -0.05 11.82
N PHE A 371 -0.95 -1.28 11.80
CA PHE A 371 -0.31 -1.86 12.99
C PHE A 371 1.05 -2.50 12.73
N HIS A 372 1.78 -2.72 13.83
CA HIS A 372 3.15 -3.20 13.80
C HIS A 372 3.24 -4.58 14.47
N ARG A 373 3.39 -5.63 13.66
CA ARG A 373 3.37 -7.00 14.17
C ARG A 373 4.70 -7.69 13.93
N ILE A 374 5.04 -8.58 14.86
CA ILE A 374 6.13 -9.53 14.67
C ILE A 374 5.47 -10.85 14.42
N GLU A 375 5.67 -11.37 13.21
CA GLU A 375 5.01 -12.58 12.75
C GLU A 375 5.97 -13.77 12.87
N ILE A 376 5.57 -14.72 13.72
CA ILE A 376 6.38 -15.87 14.04
C ILE A 376 5.71 -17.05 13.35
N VAL A 377 6.50 -17.84 12.61
CA VAL A 377 5.99 -18.92 11.79
C VAL A 377 6.84 -20.17 12.01
N TRP A 378 6.18 -21.32 12.15
CA TRP A 378 6.91 -22.57 12.29
C TRP A 378 6.28 -23.66 11.41
N ILE A 379 7.14 -24.47 10.81
CA ILE A 379 6.73 -25.55 9.91
C ILE A 379 7.43 -26.84 10.33
N GLY A 380 6.68 -27.93 10.32
CA GLY A 380 7.21 -29.25 10.60
C GLY A 380 6.09 -30.27 10.58
N THR A 381 6.36 -31.46 11.10
CA THR A 381 5.33 -32.47 11.29
C THR A 381 4.28 -31.97 12.29
N LYS A 382 3.07 -32.53 12.19
CA LYS A 382 2.00 -32.29 13.16
C LYS A 382 2.52 -32.22 14.59
N GLU A 383 3.30 -33.20 15.01
CA GLU A 383 3.81 -33.30 16.37
C GLU A 383 4.76 -32.16 16.74
N GLU A 384 5.64 -31.79 15.81
CA GLU A 384 6.59 -30.71 16.04
C GLU A 384 5.89 -29.36 16.13
N VAL A 385 4.77 -29.24 15.43
CA VAL A 385 4.05 -27.99 15.34
C VAL A 385 3.25 -27.75 16.63
N LEU A 386 2.72 -28.83 17.20
CA LEU A 386 2.12 -28.80 18.53
C LEU A 386 3.17 -28.49 19.59
N LYS A 387 4.33 -29.11 19.45
CA LYS A 387 5.43 -28.92 20.38
C LYS A 387 5.88 -27.47 20.40
N CYS A 388 6.09 -26.90 19.20
CA CYS A 388 6.48 -25.50 19.06
C CYS A 388 5.45 -24.53 19.65
N ALA A 389 4.16 -24.81 19.44
CA ALA A 389 3.08 -24.01 20.01
C ALA A 389 3.17 -24.02 21.53
N GLU A 390 3.32 -25.22 22.09
CA GLU A 390 3.48 -25.41 23.52
C GLU A 390 4.70 -24.63 24.08
N GLU A 391 5.78 -24.58 23.30
CA GLU A 391 6.99 -23.85 23.71
C GLU A 391 6.76 -22.34 23.82
N LEU A 392 5.88 -21.82 22.96
CA LEU A 392 5.60 -20.39 22.90
C LEU A 392 4.71 -19.89 24.03
N HIS A 393 3.67 -20.66 24.36
CA HIS A 393 2.78 -20.39 25.49
C HIS A 393 3.57 -20.24 26.78
N ASP A 394 4.47 -21.19 27.03
CA ASP A 394 5.35 -21.14 28.20
C ASP A 394 6.16 -19.85 28.24
N ARG A 395 6.68 -19.43 27.09
CA ARG A 395 7.39 -18.16 27.01
C ARG A 395 6.47 -16.95 27.16
N TYR A 396 5.26 -17.00 26.60
CA TYR A 396 4.31 -15.90 26.74
C TYR A 396 3.84 -15.75 28.19
N MET A 397 3.55 -16.88 28.83
CA MET A 397 3.22 -16.91 30.24
C MET A 397 4.29 -16.21 31.07
N HIS A 398 5.55 -16.61 30.88
CA HIS A 398 6.68 -16.00 31.57
C HIS A 398 6.76 -14.49 31.34
N ILE A 399 6.55 -14.06 30.10
CA ILE A 399 6.61 -12.64 29.75
C ILE A 399 5.49 -11.86 30.45
N PHE A 400 4.26 -12.38 30.34
CA PHE A 400 3.08 -11.66 30.83
C PHE A 400 2.96 -11.67 32.35
N ASN A 401 3.47 -12.71 32.99
CA ASN A 401 3.43 -12.82 34.44
C ASN A 401 4.61 -12.16 35.13
N ASP A 402 5.82 -12.38 34.60
CA ASP A 402 7.05 -12.02 35.30
C ASP A 402 7.77 -10.78 34.77
N ILE A 403 7.32 -10.24 33.65
CA ILE A 403 7.95 -9.04 33.09
C ILE A 403 6.93 -7.91 32.99
N LEU A 404 5.82 -8.18 32.32
CA LEU A 404 4.76 -7.17 32.18
C LEU A 404 3.84 -7.13 33.39
N ASP A 405 3.79 -8.23 34.14
CA ASP A 405 2.96 -8.35 35.35
C ASP A 405 1.54 -7.82 35.14
N ILE A 406 0.87 -8.33 34.11
CA ILE A 406 -0.47 -7.89 33.74
C ILE A 406 -1.53 -8.92 34.09
N GLU A 407 -2.78 -8.47 34.24
CA GLU A 407 -3.90 -9.40 34.41
C GLU A 407 -4.39 -9.84 33.05
N TRP A 408 -4.30 -11.15 32.82
CA TRP A 408 -4.60 -11.72 31.53
C TRP A 408 -5.24 -13.10 31.66
N ARG A 409 -5.82 -13.57 30.56
CA ARG A 409 -6.33 -14.92 30.44
C ARG A 409 -6.03 -15.46 29.04
N LYS A 410 -6.34 -16.74 28.81
CA LYS A 410 -6.29 -17.32 27.47
C LYS A 410 -7.42 -18.32 27.24
N ALA A 411 -7.81 -18.47 25.97
CA ALA A 411 -8.95 -19.27 25.58
C ALA A 411 -8.81 -19.86 24.16
N ARG A 412 -9.27 -21.09 23.99
CA ARG A 412 -9.29 -21.77 22.69
C ARG A 412 -10.51 -21.33 21.88
N VAL A 413 -10.30 -20.98 20.61
CA VAL A 413 -11.42 -20.70 19.69
C VAL A 413 -11.45 -21.68 18.51
N THR A 414 -12.60 -22.35 18.33
CA THR A 414 -12.79 -23.38 17.31
C THR A 414 -13.72 -22.93 16.18
N ASN A 430 -9.35 -31.33 15.84
CA ASN A 430 -9.12 -31.23 17.27
C ASN A 430 -8.08 -30.14 17.60
N THR A 431 -6.86 -30.33 17.11
CA THR A 431 -5.75 -29.43 17.45
C THR A 431 -5.60 -28.25 16.48
N VAL A 432 -6.44 -28.23 15.45
CA VAL A 432 -6.50 -27.08 14.53
C VAL A 432 -7.35 -25.96 15.14
N GLY A 433 -6.72 -24.79 15.35
CA GLY A 433 -7.38 -23.63 15.93
C GLY A 433 -6.44 -22.61 16.56
N THR A 434 -7.04 -21.58 17.15
CA THR A 434 -6.30 -20.48 17.75
C THR A 434 -6.49 -20.43 19.26
N THR A 435 -5.39 -20.16 19.97
CA THR A 435 -5.47 -19.85 21.40
C THR A 435 -5.26 -18.34 21.56
N ASP A 436 -6.29 -17.67 22.08
CA ASP A 436 -6.27 -16.20 22.21
C ASP A 436 -5.91 -15.75 23.61
N TYR A 437 -5.10 -14.71 23.68
CA TYR A 437 -4.82 -14.05 24.95
C TYR A 437 -5.65 -12.76 25.08
N GLU A 438 -6.35 -12.63 26.20
CA GLU A 438 -7.14 -11.43 26.50
C GLU A 438 -6.76 -10.79 27.83
N ALA A 439 -6.78 -9.46 27.85
CA ALA A 439 -6.53 -8.70 29.05
C ALA A 439 -7.56 -7.59 29.27
N CYS A 440 -7.85 -7.28 30.53
CA CYS A 440 -8.83 -6.23 30.85
C CYS A 440 -8.24 -4.85 30.68
N LEU A 441 -9.11 -3.89 30.35
CA LEU A 441 -8.70 -2.50 30.21
C LEU A 441 -9.49 -1.71 31.22
N PRO A 442 -8.90 -1.45 32.40
CA PRO A 442 -9.65 -0.91 33.54
C PRO A 442 -10.58 0.27 33.20
N TYR A 443 -10.16 1.13 32.27
CA TYR A 443 -10.98 2.27 31.87
C TYR A 443 -12.32 1.87 31.24
N ARG A 444 -12.41 0.64 30.75
CA ARG A 444 -13.64 0.14 30.14
C ARG A 444 -14.70 -0.25 31.15
N GLY A 445 -14.33 -0.28 32.42
CA GLY A 445 -15.25 -0.62 33.48
C GLY A 445 -15.01 -1.99 34.08
N PRO A 446 -15.74 -2.34 35.15
CA PRO A 446 -15.57 -3.65 35.79
C PRO A 446 -16.08 -4.83 34.96
N ASP A 447 -16.79 -4.55 33.87
CA ASP A 447 -17.38 -5.59 33.02
C ASP A 447 -17.35 -5.20 31.54
N GLY A 448 -16.41 -4.32 31.17
CA GLY A 448 -16.17 -4.02 29.78
C GLY A 448 -15.55 -5.23 29.11
N GLU A 449 -15.31 -5.09 27.80
CA GLU A 449 -14.68 -6.13 26.99
C GLU A 449 -13.19 -6.22 27.27
N TRP A 450 -12.71 -7.44 27.52
CA TRP A 450 -11.26 -7.70 27.57
C TRP A 450 -10.70 -7.55 26.17
N LEU A 451 -9.45 -7.10 26.08
CA LEU A 451 -8.79 -6.86 24.81
C LEU A 451 -7.98 -8.08 24.39
N GLU A 452 -8.19 -8.52 23.15
CA GLU A 452 -7.34 -9.55 22.58
C GLU A 452 -5.99 -8.93 22.25
N PHE A 453 -4.91 -9.57 22.72
CA PHE A 453 -3.57 -8.99 22.54
C PHE A 453 -2.47 -9.98 22.12
N GLN A 454 -2.80 -11.27 22.03
CA GLN A 454 -1.84 -12.31 21.65
C GLN A 454 -2.52 -13.60 21.21
N ASN A 455 -1.92 -14.25 20.20
CA ASN A 455 -2.45 -15.49 19.67
C ASN A 455 -1.37 -16.52 19.35
N VAL A 456 -1.75 -17.80 19.45
CA VAL A 456 -0.98 -18.88 18.85
C VAL A 456 -1.96 -19.71 18.02
N SER A 457 -1.73 -19.76 16.71
CA SER A 457 -2.58 -20.54 15.80
C SER A 457 -1.90 -21.82 15.32
N ILE A 458 -2.64 -22.92 15.34
CA ILE A 458 -2.23 -24.12 14.62
C ILE A 458 -3.14 -24.25 13.40
N ASN A 459 -2.53 -24.12 12.23
CA ASN A 459 -3.24 -24.08 10.96
C ASN A 459 -3.36 -25.41 10.23
N GLY A 460 -2.88 -26.49 10.85
CA GLY A 460 -2.85 -27.80 10.19
C GLY A 460 -2.03 -27.79 8.91
N ASP A 461 -2.46 -28.56 7.91
CA ASP A 461 -1.70 -28.75 6.68
C ASP A 461 -2.05 -27.70 5.62
N LYS A 462 -2.85 -26.73 6.05
CA LYS A 462 -3.46 -25.72 5.16
C LYS A 462 -2.44 -25.01 4.28
N TYR A 463 -1.36 -24.57 4.90
CA TYR A 463 -0.34 -23.80 4.19
C TYR A 463 0.61 -24.65 3.33
N PRO A 464 1.12 -25.77 3.88
CA PRO A 464 1.81 -26.70 2.97
C PRO A 464 0.99 -27.12 1.75
N LYS A 465 -0.30 -27.44 1.94
CA LYS A 465 -1.15 -27.86 0.82
C LYS A 465 -1.37 -26.72 -0.18
N GLY A 466 -1.71 -25.54 0.31
CA GLY A 466 -2.07 -24.42 -0.55
C GLY A 466 -0.91 -23.88 -1.36
N PHE A 467 0.26 -23.90 -0.76
CA PHE A 467 1.50 -23.49 -1.41
C PHE A 467 2.32 -24.68 -1.93
N ASN A 468 1.76 -25.89 -1.82
CA ASN A 468 2.38 -27.13 -2.33
C ASN A 468 3.82 -27.25 -1.86
N VAL A 469 3.98 -27.54 -0.57
CA VAL A 469 5.28 -27.69 0.07
C VAL A 469 5.27 -29.06 0.71
N LYS A 470 6.33 -29.84 0.48
CA LYS A 470 6.37 -31.21 0.92
C LYS A 470 7.60 -31.51 1.77
N LEU A 471 7.53 -32.64 2.46
CA LEU A 471 8.66 -33.18 3.23
C LEU A 471 9.30 -34.32 2.44
N GLN A 472 10.63 -34.41 2.49
CA GLN A 472 11.35 -35.48 1.83
C GLN A 472 10.82 -36.88 2.14
N SER A 473 10.54 -37.16 3.41
CA SER A 473 10.05 -38.49 3.85
C SER A 473 8.61 -38.76 3.41
N GLY A 474 7.92 -37.70 2.98
CA GLY A 474 6.52 -37.83 2.56
C GLY A 474 5.47 -37.72 3.67
N ASP A 475 5.94 -37.62 4.91
CA ASP A 475 5.04 -37.35 6.05
C ASP A 475 4.46 -35.96 5.92
N GLU A 476 3.23 -35.81 6.39
CA GLU A 476 2.50 -34.54 6.23
C GLU A 476 3.15 -33.40 7.00
N LEU A 477 3.33 -32.28 6.31
CA LEU A 477 3.80 -31.04 6.92
C LEU A 477 2.62 -30.24 7.47
N TRP A 478 2.83 -29.64 8.64
CA TRP A 478 1.88 -28.73 9.27
C TRP A 478 2.61 -27.43 9.51
N SER A 479 1.86 -26.40 9.88
CA SER A 479 2.45 -25.12 10.27
C SER A 479 1.61 -24.41 11.31
N GLY A 480 2.25 -23.48 12.03
CA GLY A 480 1.56 -22.60 12.95
C GLY A 480 2.11 -21.20 12.81
N CYS A 481 1.44 -20.23 13.43
CA CYS A 481 1.96 -18.88 13.51
C CYS A 481 1.45 -18.16 14.74
N SER A 482 2.14 -17.09 15.07
CA SER A 482 1.88 -16.27 16.23
C SER A 482 2.27 -14.85 15.86
N GLY A 483 1.32 -13.92 15.97
CA GLY A 483 1.58 -12.53 15.67
C GLY A 483 1.58 -11.71 16.95
N VAL A 484 2.68 -11.00 17.19
CA VAL A 484 2.78 -10.09 18.31
C VAL A 484 2.41 -8.69 17.82
N GLY A 485 1.24 -8.21 18.24
CA GLY A 485 0.79 -6.87 17.91
C GLY A 485 1.26 -5.89 18.97
N LEU A 486 2.12 -4.97 18.56
CA LEU A 486 2.75 -4.05 19.49
C LEU A 486 1.73 -3.03 20.05
N GLU A 487 0.84 -2.53 19.20
CA GLU A 487 -0.24 -1.63 19.63
C GLU A 487 -1.10 -2.29 20.70
N ARG A 488 -1.34 -3.60 20.55
CA ARG A 488 -2.18 -4.36 21.48
C ARG A 488 -1.51 -4.59 22.82
N TRP A 489 -0.20 -4.86 22.80
CA TRP A 489 0.57 -5.01 24.03
C TRP A 489 0.62 -3.70 24.79
N ALA A 490 0.87 -2.60 24.06
CA ALA A 490 0.93 -1.27 24.63
C ALA A 490 -0.39 -0.87 25.29
N ALA A 491 -1.51 -1.11 24.60
CA ALA A 491 -2.83 -0.81 25.13
C ALA A 491 -3.09 -1.52 26.45
N VAL A 492 -2.75 -2.80 26.51
CA VAL A 492 -2.97 -3.61 27.72
C VAL A 492 -2.02 -3.16 28.82
N PHE A 493 -0.72 -3.13 28.52
CA PHE A 493 0.25 -2.73 29.53
C PHE A 493 -0.04 -1.32 30.07
N LEU A 494 -0.12 -0.33 29.19
CA LEU A 494 -0.31 1.06 29.60
C LEU A 494 -1.64 1.34 30.32
N ALA A 495 -2.70 0.64 29.93
CA ALA A 495 -4.00 0.79 30.59
C ALA A 495 -3.95 0.21 32.00
N GLN A 496 -3.10 -0.79 32.20
CA GLN A 496 -3.04 -1.46 33.49
C GLN A 496 -2.01 -0.83 34.42
N LYS A 497 -0.92 -0.29 33.88
CA LYS A 497 0.17 0.17 34.73
C LYS A 497 0.42 1.69 34.71
N GLY A 498 -0.23 2.39 33.79
CA GLY A 498 -0.08 3.85 33.69
C GLY A 498 1.11 4.24 32.83
N LEU A 499 1.31 5.54 32.63
CA LEU A 499 2.41 6.07 31.83
C LEU A 499 3.59 6.52 32.69
N ASP A 500 3.46 6.40 34.01
CA ASP A 500 4.53 6.80 34.92
C ASP A 500 5.39 5.59 35.24
N PRO A 501 6.67 5.62 34.81
CA PRO A 501 7.63 4.52 35.00
C PRO A 501 7.74 4.05 36.45
N ALA A 502 7.51 4.95 37.40
CA ALA A 502 7.61 4.61 38.81
C ALA A 502 6.62 3.51 39.23
N ASN A 503 5.56 3.35 38.45
CA ASN A 503 4.51 2.37 38.76
C ASN A 503 4.63 1.07 37.96
N TRP A 504 5.41 1.09 36.88
CA TRP A 504 5.67 -0.12 36.07
C TRP A 504 6.44 -1.15 36.86
N PRO A 505 6.25 -2.45 36.56
CA PRO A 505 7.01 -3.50 37.21
C PRO A 505 8.52 -3.29 37.07
N GLU A 506 9.26 -3.67 38.10
CA GLU A 506 10.72 -3.60 38.13
C GLU A 506 11.37 -4.27 36.89
N GLU A 507 10.89 -5.45 36.53
CA GLU A 507 11.46 -6.18 35.40
C GLU A 507 11.36 -5.40 34.11
N PHE A 508 10.20 -4.78 33.89
CA PHE A 508 9.94 -4.03 32.67
C PHE A 508 10.75 -2.74 32.60
N ARG A 509 10.83 -2.04 33.73
CA ARG A 509 11.56 -0.78 33.83
C ARG A 509 13.05 -0.91 33.48
N ASN A 510 13.67 -1.99 33.96
CA ASN A 510 15.08 -2.28 33.67
C ASN A 510 15.38 -2.45 32.19
N ARG A 511 14.46 -3.08 31.48
CA ARG A 511 14.58 -3.30 30.04
C ARG A 511 14.38 -2.01 29.25
N VAL A 512 13.39 -1.22 29.65
CA VAL A 512 13.11 0.10 29.06
C VAL A 512 14.33 1.01 29.16
N GLY A 513 14.96 1.02 30.33
CA GLY A 513 16.03 1.95 30.64
C GLY A 513 15.47 3.32 31.01
N GLU A 514 16.24 4.35 30.70
CA GLU A 514 15.81 5.74 30.84
C GLU A 514 14.87 6.14 29.72
N MET A 515 13.66 6.56 30.08
CA MET A 515 12.71 7.09 29.11
C MET A 515 13.27 8.31 28.38
N PRO A 516 13.06 8.37 27.05
CA PRO A 516 13.48 9.57 26.33
C PRO A 516 12.47 10.68 26.57
N LYS A 517 12.85 11.93 26.37
CA LYS A 517 11.85 12.97 26.51
C LYS A 517 11.12 13.12 25.18
N GLY A 518 9.92 13.71 25.24
CA GLY A 518 9.11 13.92 24.04
C GLY A 518 9.54 15.15 23.28
N ILE A 519 8.72 15.54 22.31
CA ILE A 519 8.90 16.80 21.59
C ILE A 519 7.81 17.75 22.06
N ARG A 520 8.21 18.85 22.70
CA ARG A 520 7.25 19.79 23.27
C ARG A 520 6.92 20.93 22.31
N PHE A 521 5.64 21.27 22.23
CA PHE A 521 5.15 22.39 21.44
C PHE A 521 4.65 23.56 22.30
N LEU A 522 4.79 24.77 21.75
CA LEU A 522 4.44 25.98 22.48
C LEU A 522 2.93 26.24 22.44
N GLY B 18 17.94 33.92 -21.91
CA GLY B 18 16.48 33.67 -22.16
C GLY B 18 15.82 34.75 -22.98
N SER B 19 14.67 35.22 -22.50
CA SER B 19 13.90 36.28 -23.14
C SER B 19 13.68 37.43 -22.17
N HIS B 20 13.79 38.66 -22.67
CA HIS B 20 13.68 39.84 -21.83
C HIS B 20 12.29 40.50 -21.90
N MET B 21 11.34 39.89 -22.62
CA MET B 21 9.97 40.41 -22.69
C MET B 21 9.39 40.56 -21.27
N LYS B 22 8.73 41.70 -21.03
CA LYS B 22 8.19 42.03 -19.72
C LYS B 22 7.01 41.16 -19.34
N LEU B 23 7.04 40.64 -18.11
CA LEU B 23 5.90 39.94 -17.54
C LEU B 23 4.77 40.93 -17.25
N GLN B 24 3.68 40.79 -17.99
CA GLN B 24 2.56 41.74 -17.95
C GLN B 24 1.24 41.09 -17.61
N PHE B 25 0.53 41.71 -16.66
CA PHE B 25 -0.83 41.34 -16.34
C PHE B 25 -1.76 42.44 -16.84
N ASN B 26 -2.89 42.03 -17.42
CA ASN B 26 -3.94 42.97 -17.83
C ASN B 26 -5.30 42.49 -17.35
N LEU B 27 -6.04 43.38 -16.70
CA LEU B 27 -7.33 43.03 -16.09
C LEU B 27 -8.42 44.00 -16.52
N LYS B 28 -9.54 43.46 -17.01
CA LYS B 28 -10.72 44.27 -17.29
C LYS B 28 -11.94 43.72 -16.54
N ALA B 29 -12.45 44.52 -15.60
CA ALA B 29 -13.58 44.13 -14.75
C ALA B 29 -14.41 45.33 -14.29
N TYR B 30 -15.57 45.06 -13.68
CA TYR B 30 -16.38 46.10 -13.05
C TYR B 30 -16.81 45.75 -11.63
N PHE B 31 -16.73 46.75 -10.74
CA PHE B 31 -17.18 46.58 -9.35
C PHE B 31 -18.70 46.61 -9.26
N LYS B 32 -19.24 45.68 -8.45
CA LYS B 32 -20.67 45.63 -8.16
C LYS B 32 -21.07 46.76 -7.23
N THR B 33 -21.85 47.70 -7.74
CA THR B 33 -22.30 48.85 -6.96
C THR B 33 -23.79 48.76 -6.65
N SER B 34 -24.14 49.00 -5.39
CA SER B 34 -25.54 49.04 -4.97
C SER B 34 -26.23 50.28 -5.53
N ALA B 35 -25.64 51.45 -5.28
CA ALA B 35 -26.15 52.72 -5.77
C ALA B 35 -25.54 53.08 -7.12
N ASP B 36 -26.21 53.97 -7.85
CA ASP B 36 -25.78 54.35 -9.20
C ASP B 36 -24.61 55.34 -9.18
N PRO B 37 -23.51 55.01 -9.87
CA PRO B 37 -22.35 55.90 -9.97
C PRO B 37 -22.64 57.17 -10.76
N THR B 38 -23.12 58.20 -10.07
CA THR B 38 -23.38 59.51 -10.66
C THR B 38 -22.88 60.64 -9.74
N PRO B 39 -23.31 60.66 -8.46
CA PRO B 39 -22.75 61.65 -7.54
C PRO B 39 -21.30 61.35 -7.18
N ALA B 40 -20.88 60.10 -7.42
CA ALA B 40 -19.53 59.65 -7.12
C ALA B 40 -18.54 60.03 -8.21
N LYS B 41 -19.05 60.33 -9.42
CA LYS B 41 -18.24 60.65 -10.60
C LYS B 41 -16.96 61.45 -10.31
N ASP B 42 -17.10 62.50 -9.50
CA ASP B 42 -15.96 63.33 -9.10
C ASP B 42 -15.04 62.60 -8.12
N ALA B 43 -15.63 62.02 -7.09
CA ALA B 43 -14.89 61.34 -6.02
C ALA B 43 -14.07 60.14 -6.52
N ILE B 44 -14.65 59.37 -7.45
CA ILE B 44 -14.00 58.15 -7.96
C ILE B 44 -12.79 58.43 -8.85
N ALA B 45 -12.86 59.49 -9.65
CA ALA B 45 -11.81 59.85 -10.60
C ALA B 45 -10.52 60.26 -9.90
N ALA B 46 -10.64 61.16 -8.92
CA ALA B 46 -9.49 61.69 -8.17
C ALA B 46 -8.78 60.66 -7.30
N LEU B 47 -9.54 59.68 -6.77
CA LEU B 47 -8.98 58.70 -5.84
C LEU B 47 -8.37 57.49 -6.55
N PHE B 48 -8.68 57.34 -7.83
CA PHE B 48 -7.95 56.43 -8.71
C PHE B 48 -6.57 57.00 -9.03
N GLU B 49 -6.53 58.32 -9.26
CA GLU B 49 -5.28 59.06 -9.47
C GLU B 49 -4.37 58.90 -8.25
N GLU B 50 -4.94 59.13 -7.06
CA GLU B 50 -4.27 58.95 -5.78
C GLU B 50 -3.77 57.51 -5.57
N ALA B 51 -4.55 56.54 -6.05
CA ALA B 51 -4.15 55.13 -5.98
C ALA B 51 -2.92 54.85 -6.84
N ASN B 52 -2.79 55.59 -7.95
CA ASN B 52 -1.67 55.40 -8.89
C ASN B 52 -0.34 55.92 -8.36
N SER B 53 -0.38 56.91 -7.48
CA SER B 53 0.83 57.49 -6.93
C SER B 53 1.14 56.98 -5.52
N THR B 54 0.12 56.48 -4.84
CA THR B 54 0.28 56.00 -3.46
C THR B 54 0.00 54.50 -3.34
N LEU B 55 -1.28 54.13 -3.26
CA LEU B 55 -1.71 52.78 -2.90
C LEU B 55 -1.02 51.67 -3.70
N LEU B 56 -0.98 51.83 -5.02
CA LEU B 56 -0.47 50.78 -5.90
C LEU B 56 1.06 50.74 -6.01
N THR B 57 1.74 51.61 -5.26
CA THR B 57 3.20 51.63 -5.21
C THR B 57 3.76 50.65 -4.18
N ARG B 58 2.97 50.35 -3.15
CA ARG B 58 3.43 49.59 -1.99
C ARG B 58 3.69 48.12 -2.33
N GLY B 59 4.95 47.69 -2.14
CA GLY B 59 5.37 46.33 -2.47
C GLY B 59 5.96 46.21 -3.87
N ALA B 60 6.42 47.34 -4.40
CA ALA B 60 7.05 47.41 -5.73
C ALA B 60 8.23 48.39 -5.75
N PRO B 61 9.33 48.01 -6.42
CA PRO B 61 10.42 48.94 -6.63
C PRO B 61 9.92 50.17 -7.38
N GLU B 62 10.65 51.28 -7.26
CA GLU B 62 10.29 52.55 -7.90
C GLU B 62 9.83 52.41 -9.36
N GLY B 63 8.66 52.97 -9.65
CA GLY B 63 8.12 53.05 -11.01
C GLY B 63 7.41 51.82 -11.54
N GLN B 64 7.62 50.68 -10.90
CA GLN B 64 7.07 49.40 -11.34
C GLN B 64 5.73 49.07 -10.70
N GLY B 65 5.03 50.08 -10.19
CA GLY B 65 3.75 49.88 -9.50
C GLY B 65 2.61 49.58 -10.46
N ALA B 66 1.50 49.09 -9.91
CA ALA B 66 0.31 48.78 -10.70
C ALA B 66 -0.38 50.05 -11.15
N LYS B 67 -1.13 49.97 -12.23
CA LYS B 67 -1.70 51.15 -12.87
C LYS B 67 -3.10 50.90 -13.44
N VAL B 68 -4.01 51.83 -13.19
CA VAL B 68 -5.32 51.82 -13.85
C VAL B 68 -5.26 52.68 -15.12
N THR B 69 -5.33 52.01 -16.27
CA THR B 69 -5.24 52.67 -17.57
C THR B 69 -6.50 53.45 -17.93
N GLU B 70 -7.67 52.86 -17.66
CA GLU B 70 -8.95 53.53 -17.92
C GLU B 70 -10.10 53.05 -17.04
N TRP B 71 -11.12 53.89 -16.89
CA TRP B 71 -12.28 53.61 -16.04
C TRP B 71 -13.55 54.26 -16.60
N LYS B 72 -14.61 53.47 -16.76
CA LYS B 72 -15.88 53.99 -17.25
C LYS B 72 -17.04 53.59 -16.32
N ASP B 76 -24.73 52.02 -13.28
CA ASP B 76 -24.84 50.63 -12.84
C ASP B 76 -23.48 50.04 -12.45
N ARG B 77 -22.49 50.21 -13.31
CA ARG B 77 -21.18 49.57 -13.15
C ARG B 77 -20.07 50.59 -12.94
N ILE B 78 -18.94 50.11 -12.42
CA ILE B 78 -17.69 50.88 -12.42
C ILE B 78 -16.64 50.01 -13.12
N GLU B 79 -16.66 50.02 -14.46
CA GLU B 79 -15.74 49.19 -15.24
C GLU B 79 -14.38 49.87 -15.42
N LEU B 80 -13.32 49.05 -15.41
CA LEU B 80 -11.96 49.54 -15.50
C LEU B 80 -11.03 48.57 -16.20
N THR B 81 -9.94 49.10 -16.75
CA THR B 81 -8.81 48.29 -17.19
C THR B 81 -7.65 48.56 -16.26
N LEU B 82 -6.99 47.48 -15.84
CA LEU B 82 -5.94 47.55 -14.83
C LEU B 82 -4.69 46.82 -15.32
N GLN B 83 -3.53 47.43 -15.13
CA GLN B 83 -2.26 46.87 -15.61
C GLN B 83 -1.20 46.76 -14.53
N SER B 84 -0.46 45.65 -14.54
CA SER B 84 0.67 45.47 -13.64
C SER B 84 1.80 44.65 -14.25
N GLY B 85 2.97 44.76 -13.63
CA GLY B 85 4.07 43.82 -13.87
C GLY B 85 3.99 42.71 -12.84
N ARG B 86 5.15 42.27 -12.36
CA ARG B 86 5.23 41.15 -11.41
C ARG B 86 4.89 41.56 -9.98
N TYR B 87 5.10 42.83 -9.64
CA TYR B 87 4.77 43.35 -8.31
C TYR B 87 3.41 44.02 -8.32
N VAL B 88 2.73 43.98 -7.17
CA VAL B 88 1.37 44.48 -7.02
C VAL B 88 0.51 44.05 -8.21
N ARG B 89 0.35 42.74 -8.36
CA ARG B 89 -0.31 42.17 -9.53
C ARG B 89 -1.79 42.54 -9.60
N VAL B 90 -2.33 42.54 -10.81
CA VAL B 90 -3.68 43.04 -11.07
C VAL B 90 -4.74 42.42 -10.17
N HIS B 91 -4.58 41.12 -9.89
CA HIS B 91 -5.59 40.37 -9.15
C HIS B 91 -5.53 40.58 -7.64
N ASP B 92 -4.52 41.30 -7.16
CA ASP B 92 -4.43 41.61 -5.74
C ASP B 92 -4.49 43.12 -5.50
N ALA B 93 -4.25 43.89 -6.57
CA ALA B 93 -4.41 45.34 -6.55
C ALA B 93 -5.88 45.73 -6.55
N ILE B 94 -6.72 44.92 -7.20
CA ILE B 94 -8.16 45.18 -7.32
C ILE B 94 -8.86 45.08 -5.96
N PHE B 95 -8.36 44.18 -5.11
CA PHE B 95 -8.85 44.08 -3.73
C PHE B 95 -8.36 45.24 -2.87
N ARG B 96 -7.19 45.77 -3.20
CA ARG B 96 -6.69 47.00 -2.58
C ARG B 96 -7.58 48.19 -2.98
N LEU B 97 -8.06 48.17 -4.22
CA LEU B 97 -8.99 49.18 -4.73
C LEU B 97 -10.41 49.01 -4.16
N ARG B 98 -10.81 47.77 -3.92
CA ARG B 98 -12.14 47.44 -3.42
C ARG B 98 -12.37 48.00 -2.01
N LYS B 99 -11.34 47.94 -1.17
CA LYS B 99 -11.42 48.43 0.21
C LYS B 99 -11.35 49.95 0.31
N GLN B 100 -10.59 50.59 -0.58
CA GLN B 100 -10.44 52.05 -0.60
C GLN B 100 -11.72 52.73 -1.08
N LEU B 101 -12.38 52.15 -2.09
CA LEU B 101 -13.66 52.67 -2.58
C LEU B 101 -14.78 52.51 -1.55
N ALA B 102 -14.76 51.38 -0.83
CA ALA B 102 -15.77 51.05 0.18
C ALA B 102 -15.94 52.15 1.24
N GLU B 103 -14.83 52.74 1.66
CA GLU B 103 -14.83 53.79 2.68
C GLU B 103 -15.16 55.15 2.07
N ALA B 104 -14.96 55.28 0.76
CA ALA B 104 -15.15 56.53 0.05
C ALA B 104 -16.61 56.78 -0.36
N LEU B 105 -17.33 55.72 -0.66
CA LEU B 105 -18.70 55.84 -1.17
C LEU B 105 -19.79 55.51 -0.15
N GLY B 106 -19.58 54.42 0.60
CA GLY B 106 -20.56 53.95 1.58
C GLY B 106 -20.98 54.97 2.61
N LYS B 107 -20.00 55.53 3.32
CA LYS B 107 -20.26 56.44 4.44
C LYS B 107 -20.74 57.83 4.00
N LYS B 108 -20.37 58.24 2.78
CA LYS B 108 -20.72 59.57 2.28
C LYS B 108 -21.97 59.56 1.39
N TYR B 109 -21.95 58.75 0.32
CA TYR B 109 -23.04 58.72 -0.65
C TYR B 109 -23.99 57.56 -0.37
N ILE B 116 -17.04 41.70 -7.74
CA ILE B 116 -16.20 41.96 -8.91
C ILE B 116 -16.53 41.00 -10.04
N GLU B 117 -16.77 41.56 -11.23
CA GLU B 117 -17.13 40.77 -12.41
C GLU B 117 -16.12 40.98 -13.53
N VAL B 118 -15.38 39.92 -13.85
CA VAL B 118 -14.27 39.98 -14.80
C VAL B 118 -14.72 39.82 -16.26
N GLU B 119 -14.29 40.76 -17.11
CA GLU B 119 -14.57 40.72 -18.54
C GLU B 119 -13.42 40.07 -19.33
N SER B 120 -12.18 40.32 -18.89
CA SER B 120 -11.00 39.68 -19.48
C SER B 120 -9.80 39.68 -18.54
N PHE B 121 -9.02 38.60 -18.60
CA PHE B 121 -7.77 38.48 -17.86
C PHE B 121 -6.68 37.96 -18.80
N ILE B 122 -5.64 38.78 -19.00
CA ILE B 122 -4.54 38.41 -19.90
C ILE B 122 -3.19 38.52 -19.20
N ILE B 123 -2.41 37.43 -19.24
CA ILE B 123 -1.02 37.47 -18.82
C ILE B 123 -0.14 37.29 -20.05
N LYS B 124 0.96 38.06 -20.09
CA LYS B 124 2.00 37.88 -21.10
C LYS B 124 3.27 37.42 -20.38
N VAL B 125 3.82 36.29 -20.83
CA VAL B 125 4.92 35.65 -20.12
C VAL B 125 6.10 35.40 -21.06
N PRO B 126 7.32 35.82 -20.65
CA PRO B 126 8.52 35.67 -21.49
C PRO B 126 8.94 34.23 -21.71
N ALA B 127 9.30 33.90 -22.95
CA ALA B 127 9.76 32.55 -23.33
C ALA B 127 10.45 32.54 -24.69
N ASP B 128 11.43 31.65 -24.86
CA ASP B 128 12.12 31.48 -26.15
C ASP B 128 11.33 30.57 -27.08
N HIS B 129 11.07 29.35 -26.61
CA HIS B 129 10.51 28.29 -27.42
C HIS B 129 8.98 28.35 -27.42
N GLU B 130 8.39 27.78 -28.47
CA GLU B 130 6.95 27.63 -28.57
C GLU B 130 6.51 26.57 -27.56
N LEU B 131 5.28 26.68 -27.07
CA LEU B 131 4.72 25.66 -26.17
C LEU B 131 3.40 25.10 -26.68
N ARG B 132 3.10 23.88 -26.29
CA ARG B 132 1.85 23.22 -26.65
C ARG B 132 0.65 23.90 -25.98
N MET B 133 -0.55 23.63 -26.51
CA MET B 133 -1.78 24.02 -25.82
C MET B 133 -1.98 23.06 -24.64
N LEU B 134 -2.30 23.63 -23.48
CA LEU B 134 -2.35 22.89 -22.23
C LEU B 134 -3.76 22.47 -21.83
N LYS B 135 -3.92 21.22 -21.40
CA LYS B 135 -5.15 20.75 -20.79
C LYS B 135 -5.14 21.17 -19.32
N VAL B 136 -5.33 22.46 -19.09
CA VAL B 136 -5.22 23.07 -17.76
C VAL B 136 -6.48 23.88 -17.48
N PRO B 137 -7.07 23.72 -16.27
CA PRO B 137 -8.23 24.51 -15.87
C PRO B 137 -7.95 26.02 -15.74
N TYR B 138 -8.96 26.81 -16.08
CA TYR B 138 -8.92 28.29 -16.06
C TYR B 138 -8.16 28.95 -17.21
N ILE B 139 -7.73 28.16 -18.19
CA ILE B 139 -7.04 28.72 -19.36
C ILE B 139 -7.90 28.58 -20.61
N LYS B 140 -8.47 29.70 -21.03
CA LYS B 140 -9.38 29.75 -22.17
C LYS B 140 -8.62 29.61 -23.48
N SER B 141 -7.58 30.43 -23.66
CA SER B 141 -6.77 30.39 -24.87
C SER B 141 -5.29 30.67 -24.59
N MET B 142 -4.44 30.08 -25.42
CA MET B 142 -3.00 30.29 -25.34
C MET B 142 -2.43 30.60 -26.72
N GLU B 143 -1.92 31.80 -26.90
CA GLU B 143 -1.39 32.25 -28.18
C GLU B 143 0.07 32.65 -28.07
N ASN B 144 0.88 32.16 -29.01
CA ASN B 144 2.30 32.51 -29.06
C ASN B 144 2.52 33.88 -29.69
N ILE B 145 3.25 34.74 -28.99
CA ILE B 145 3.51 36.12 -29.42
C ILE B 145 5.01 36.44 -29.43
N GLU B 146 5.35 37.67 -29.82
CA GLU B 146 6.75 38.08 -29.84
C GLU B 146 7.29 38.29 -28.43
N GLY B 147 8.21 37.40 -28.03
CA GLY B 147 8.84 37.47 -26.72
C GLY B 147 8.41 36.37 -25.78
N GLY B 148 7.29 35.71 -26.10
CA GLY B 148 6.79 34.61 -25.27
C GLY B 148 5.37 34.21 -25.57
N ILE B 149 4.60 33.94 -24.51
CA ILE B 149 3.24 33.41 -24.63
C ILE B 149 2.21 34.37 -24.03
N GLN B 150 1.05 34.46 -24.67
CA GLN B 150 -0.07 35.19 -24.09
C GLN B 150 -1.19 34.25 -23.66
N LEU B 151 -1.57 34.35 -22.39
CA LEU B 151 -2.64 33.54 -21.81
C LEU B 151 -3.92 34.34 -21.59
N GLU B 152 -5.06 33.72 -21.87
CA GLU B 152 -6.35 34.29 -21.50
C GLU B 152 -7.04 33.40 -20.46
N LEU B 153 -7.29 33.98 -19.29
CA LEU B 153 -7.80 33.23 -18.14
C LEU B 153 -9.32 33.29 -17.98
N GLU B 154 -9.91 32.14 -17.69
CA GLU B 154 -11.34 32.03 -17.38
C GLU B 154 -11.52 32.10 -15.86
N VAL B 155 -11.50 33.32 -15.33
CA VAL B 155 -11.42 33.54 -13.89
C VAL B 155 -12.44 34.59 -13.42
N GLY B 156 -13.11 34.32 -12.30
CA GLY B 156 -13.99 35.29 -11.67
C GLY B 156 -13.37 35.85 -10.41
N GLU B 157 -14.22 36.38 -9.53
CA GLU B 157 -13.77 37.00 -8.28
C GLU B 157 -13.07 35.99 -7.33
N ALA B 158 -13.75 34.89 -7.04
CA ALA B 158 -13.24 33.87 -6.11
C ALA B 158 -11.84 33.34 -6.48
N GLU B 159 -11.64 33.06 -7.77
CA GLU B 159 -10.36 32.56 -8.26
C GLU B 159 -9.21 33.55 -8.03
N MET B 160 -9.51 34.84 -8.23
CA MET B 160 -8.53 35.91 -7.99
C MET B 160 -8.13 36.00 -6.52
N LYS B 161 -9.12 35.95 -5.63
CA LYS B 161 -8.88 35.95 -4.18
C LYS B 161 -8.05 34.74 -3.76
N ASN B 162 -8.32 33.60 -4.39
CA ASN B 162 -7.56 32.36 -4.18
C ASN B 162 -6.16 32.34 -4.81
N ARG B 163 -5.78 33.44 -5.46
CA ARG B 163 -4.44 33.57 -6.06
C ARG B 163 -4.16 32.57 -7.20
N VAL B 164 -5.21 32.21 -7.93
CA VAL B 164 -5.12 31.26 -9.05
C VAL B 164 -4.14 31.72 -10.15
N PRO B 165 -4.26 32.97 -10.64
CA PRO B 165 -3.34 33.44 -11.68
C PRO B 165 -1.87 33.34 -11.30
N ASP B 166 -1.55 33.43 -10.01
CA ASP B 166 -0.17 33.25 -9.54
C ASP B 166 0.31 31.82 -9.78
N ARG B 167 -0.58 30.86 -9.57
CA ARG B 167 -0.28 29.45 -9.73
C ARG B 167 -0.21 29.03 -11.20
N ILE B 168 -1.08 29.60 -12.02
CA ILE B 168 -1.00 29.41 -13.46
C ILE B 168 0.33 29.96 -13.99
N LEU B 169 0.71 31.15 -13.51
CA LEU B 169 2.01 31.72 -13.86
C LEU B 169 3.15 30.79 -13.45
N THR B 170 3.10 30.29 -12.22
CA THR B 170 4.13 29.41 -11.70
C THR B 170 4.25 28.13 -12.53
N LEU B 171 3.10 27.51 -12.83
CA LEU B 171 3.05 26.32 -13.66
C LEU B 171 3.64 26.59 -15.05
N LEU B 172 3.24 27.70 -15.66
CA LEU B 172 3.69 28.06 -16.98
C LEU B 172 5.19 28.33 -17.01
N GLU B 173 5.70 29.00 -15.97
CA GLU B 173 7.13 29.27 -15.84
C GLU B 173 7.94 27.99 -15.71
N GLU B 174 7.37 27.02 -14.99
CA GLU B 174 7.98 25.70 -14.84
C GLU B 174 8.08 24.99 -16.19
N LYS B 175 7.01 25.08 -16.98
CA LYS B 175 6.98 24.49 -18.32
C LYS B 175 7.93 25.19 -19.27
N ILE B 176 8.07 26.51 -19.14
CA ILE B 176 8.92 27.31 -20.03
C ILE B 176 10.39 26.93 -19.89
N GLU B 177 10.90 26.94 -18.66
CA GLU B 177 12.33 26.68 -18.44
C GLU B 177 12.72 25.20 -18.58
N ALA B 178 11.73 24.32 -18.54
CA ALA B 178 11.94 22.88 -18.76
C ALA B 178 12.30 22.58 -20.22
N ALA B 179 11.78 23.42 -21.12
CA ALA B 179 12.10 23.32 -22.56
C ALA B 179 13.57 23.63 -22.81
N GLN B 180 14.15 24.47 -21.95
CA GLN B 180 15.58 24.79 -21.97
C GLN B 180 16.40 23.74 -21.20
N TYR B 181 15.84 22.55 -21.01
CA TYR B 181 16.46 21.41 -20.28
C TYR B 181 17.27 21.82 -19.04
N GLU B 186 22.20 16.43 -16.77
CA GLU B 186 22.37 16.71 -15.35
C GLU B 186 23.75 17.32 -15.06
N HIS B 187 23.81 18.14 -14.00
CA HIS B 187 25.08 18.71 -13.55
C HIS B 187 25.53 18.05 -12.24
N TRP B 188 26.66 17.37 -12.32
CA TRP B 188 27.16 16.47 -11.30
C TRP B 188 28.57 16.93 -10.93
N ASN B 189 28.83 17.06 -9.63
CA ASN B 189 30.08 17.66 -9.15
C ASN B 189 30.76 16.86 -8.04
N LEU B 190 31.95 16.32 -8.34
CA LEU B 190 32.67 15.41 -7.44
C LEU B 190 33.31 16.11 -6.25
N LEU B 191 33.10 15.54 -5.06
CA LEU B 191 33.56 16.14 -3.80
C LEU B 191 34.74 15.40 -3.18
N TRP B 192 34.66 14.08 -3.15
CA TRP B 192 35.67 13.22 -2.53
C TRP B 192 35.60 11.82 -3.12
N GLN B 193 36.75 11.21 -3.37
CA GLN B 193 36.81 9.86 -3.89
C GLN B 193 37.89 9.03 -3.21
N ARG B 194 37.56 7.80 -2.84
CA ARG B 194 38.54 6.90 -2.23
C ARG B 194 39.53 6.35 -3.27
N GLU B 195 40.75 6.05 -2.82
CA GLU B 195 41.71 5.32 -3.64
C GLU B 195 41.12 3.98 -4.07
N PRO B 196 41.22 3.67 -5.38
CA PRO B 196 40.81 2.38 -5.94
C PRO B 196 41.42 1.19 -5.17
N MET B 197 40.63 0.16 -4.95
CA MET B 197 41.18 -1.06 -4.36
C MET B 197 41.00 -2.30 -5.24
N GLU B 198 41.62 -3.40 -4.84
CA GLU B 198 41.52 -4.64 -5.59
C GLU B 198 40.11 -5.20 -5.47
N HIS B 199 39.65 -5.84 -6.54
CA HIS B 199 38.30 -6.38 -6.63
C HIS B 199 38.31 -7.87 -6.95
N PRO B 200 38.59 -8.72 -5.95
CA PRO B 200 38.70 -10.17 -6.19
C PRO B 200 37.35 -10.84 -6.50
N PHE B 201 36.25 -10.15 -6.23
CA PHE B 201 34.91 -10.69 -6.45
C PHE B 201 34.15 -9.92 -7.53
N LYS B 202 33.69 -10.66 -8.54
CA LYS B 202 33.16 -10.10 -9.78
C LYS B 202 31.77 -10.66 -10.10
N GLU B 203 31.19 -11.42 -9.19
CA GLU B 203 29.84 -11.92 -9.42
C GLU B 203 28.82 -10.84 -9.15
N ASP B 204 27.63 -11.00 -9.73
CA ASP B 204 26.46 -10.23 -9.36
C ASP B 204 25.97 -10.81 -8.03
N PRO B 205 26.00 -10.00 -6.95
CA PRO B 205 25.64 -10.47 -5.61
C PRO B 205 24.23 -11.04 -5.54
N THR B 206 23.32 -10.48 -6.33
CA THR B 206 21.96 -11.00 -6.36
C THR B 206 21.93 -12.43 -6.90
N GLN B 207 22.59 -12.65 -8.04
CA GLN B 207 22.73 -14.01 -8.62
C GLN B 207 23.39 -14.96 -7.64
N ALA B 208 24.53 -14.54 -7.09
CA ALA B 208 25.24 -15.28 -6.06
C ALA B 208 24.36 -15.65 -4.87
N MET B 209 23.62 -14.65 -4.36
CA MET B 209 22.69 -14.86 -3.25
C MET B 209 21.58 -15.85 -3.59
N MET B 210 21.03 -15.75 -4.79
CA MET B 210 20.03 -16.72 -5.23
C MET B 210 20.59 -18.14 -5.26
N LYS B 211 21.76 -18.33 -5.87
CA LYS B 211 22.32 -19.68 -5.99
C LYS B 211 22.69 -20.28 -4.64
N GLU B 212 23.10 -19.44 -3.69
CA GLU B 212 23.53 -19.94 -2.40
C GLU B 212 22.40 -19.97 -1.34
N GLY B 213 21.18 -19.64 -1.73
CA GLY B 213 20.02 -19.76 -0.83
C GLY B 213 19.84 -18.63 0.19
N TRP B 214 20.38 -17.45 -0.10
CA TRP B 214 20.22 -16.29 0.77
C TRP B 214 18.83 -15.69 0.65
N LEU B 215 18.32 -15.60 -0.59
CA LEU B 215 17.02 -14.98 -0.85
C LEU B 215 16.33 -15.53 -2.08
N LYS B 216 15.07 -15.14 -2.27
CA LYS B 216 14.32 -15.50 -3.47
C LYS B 216 13.47 -14.30 -3.89
N ARG B 217 13.06 -14.26 -5.16
CA ARG B 217 12.13 -13.24 -5.64
C ARG B 217 10.79 -13.41 -4.97
N GLY B 218 10.21 -12.30 -4.50
CA GLY B 218 8.84 -12.27 -4.01
C GLY B 218 7.89 -12.28 -5.18
N SER B 219 6.60 -12.43 -4.91
CA SER B 219 5.60 -12.54 -5.97
C SER B 219 5.35 -11.24 -6.78
N SER B 220 5.63 -10.09 -6.20
CA SER B 220 5.39 -8.81 -6.88
C SER B 220 6.65 -8.29 -7.52
N ARG B 221 6.52 -7.29 -8.39
CA ARG B 221 7.68 -6.92 -9.19
C ARG B 221 8.67 -6.12 -8.36
N GLY B 222 9.95 -6.36 -8.60
CA GLY B 222 11.02 -5.71 -7.86
C GLY B 222 10.98 -6.01 -6.37
N GLN B 223 10.56 -7.21 -6.03
CA GLN B 223 10.30 -7.60 -4.65
C GLN B 223 11.04 -8.87 -4.28
N TRP B 224 11.60 -8.89 -3.08
CA TRP B 224 12.46 -9.98 -2.63
C TRP B 224 12.01 -10.55 -1.27
N ILE B 225 12.18 -11.87 -1.10
CA ILE B 225 12.00 -12.53 0.19
C ILE B 225 13.41 -12.83 0.70
N HIS B 226 13.77 -12.34 1.89
CA HIS B 226 15.14 -12.55 2.39
C HIS B 226 15.17 -13.66 3.42
N GLY B 227 15.89 -14.74 3.09
CA GLY B 227 16.16 -15.82 4.02
C GLY B 227 17.12 -15.39 5.11
N PRO B 228 17.38 -16.28 6.10
CA PRO B 228 18.13 -15.93 7.29
C PRO B 228 19.44 -15.18 7.04
N GLN B 229 20.20 -15.60 6.04
CA GLN B 229 21.52 -15.04 5.78
C GLN B 229 21.47 -13.63 5.26
N SER B 230 20.57 -13.37 4.33
CA SER B 230 20.37 -12.02 3.83
C SER B 230 19.79 -11.12 4.93
N ALA B 231 18.81 -11.63 5.67
CA ALA B 231 18.19 -10.84 6.75
C ALA B 231 19.30 -10.38 7.69
N ARG B 232 20.20 -11.30 8.03
CA ARG B 232 21.31 -11.02 8.93
C ARG B 232 22.16 -9.83 8.49
N ILE B 233 22.56 -9.83 7.21
CA ILE B 233 23.27 -8.68 6.65
C ILE B 233 22.47 -7.39 6.84
N PHE B 234 21.19 -7.39 6.48
CA PHE B 234 20.33 -6.22 6.64
C PHE B 234 20.34 -5.75 8.09
N ARG B 235 20.21 -6.70 9.01
CA ARG B 235 20.12 -6.39 10.42
C ARG B 235 21.45 -5.86 10.95
N THR B 236 22.56 -6.27 10.35
CA THR B 236 23.88 -5.84 10.79
C THR B 236 24.17 -4.41 10.37
N PHE B 237 23.74 -4.05 9.16
CA PHE B 237 23.79 -2.66 8.71
C PHE B 237 22.97 -1.75 9.63
N GLU B 238 21.79 -2.23 10.01
CA GLU B 238 20.90 -1.52 10.91
C GLU B 238 21.62 -1.24 12.24
N LYS B 239 22.20 -2.30 12.80
CA LYS B 239 22.99 -2.20 14.04
C LYS B 239 24.12 -1.18 13.91
N ILE B 240 24.76 -1.18 12.75
CA ILE B 240 25.84 -0.24 12.44
C ILE B 240 25.36 1.23 12.44
N VAL B 241 24.24 1.49 11.77
CA VAL B 241 23.66 2.84 11.73
C VAL B 241 23.29 3.36 13.14
N LEU B 242 22.61 2.52 13.90
CA LEU B 242 22.24 2.76 15.30
C LEU B 242 23.43 3.12 16.18
N GLU B 243 24.42 2.24 16.22
CA GLU B 243 25.55 2.32 17.16
C GLU B 243 26.63 3.30 16.73
N GLU B 244 26.83 3.46 15.42
CA GLU B 244 27.92 4.31 14.93
C GLU B 244 27.49 5.71 14.52
N LEU B 245 26.18 5.94 14.42
CA LEU B 245 25.65 7.19 13.90
C LEU B 245 24.52 7.76 14.76
N LEU B 246 23.42 7.02 14.86
CA LEU B 246 22.20 7.53 15.45
C LEU B 246 22.35 7.84 16.95
N GLU B 247 22.92 6.89 17.69
CA GLU B 247 23.19 7.09 19.13
C GLU B 247 24.26 8.14 19.39
N PRO B 248 25.46 8.03 18.77
CA PRO B 248 26.49 9.03 19.07
C PRO B 248 26.09 10.48 18.76
N LEU B 249 25.09 10.67 17.89
CA LEU B 249 24.65 12.01 17.50
C LEU B 249 23.35 12.46 18.19
N GLY B 250 22.74 11.56 18.95
CA GLY B 250 21.59 11.89 19.78
C GLY B 250 20.25 11.85 19.06
N TYR B 251 20.15 11.00 18.05
CA TYR B 251 18.88 10.81 17.32
C TYR B 251 17.94 9.93 18.12
N ARG B 252 16.66 10.33 18.17
CA ARG B 252 15.65 9.58 18.91
C ARG B 252 14.70 8.85 17.96
N GLU B 253 14.45 7.58 18.24
CA GLU B 253 13.55 6.78 17.40
C GLU B 253 12.10 7.26 17.54
N MET B 254 11.44 7.41 16.39
CA MET B 254 10.00 7.56 16.33
C MET B 254 9.45 6.49 15.40
N ILE B 255 8.14 6.45 15.24
CA ILE B 255 7.53 5.55 14.26
C ILE B 255 6.65 6.34 13.28
N PHE B 256 7.10 6.44 12.03
CA PHE B 256 6.39 7.18 11.00
C PHE B 256 5.34 6.28 10.36
N PRO B 257 4.14 6.82 10.05
CA PRO B 257 3.11 6.14 9.27
C PRO B 257 3.60 5.68 7.89
N LYS B 258 3.03 4.59 7.39
CA LYS B 258 3.50 4.01 6.13
C LYS B 258 2.49 4.14 4.97
N LEU B 259 1.20 4.10 5.26
CA LEU B 259 0.19 4.53 4.29
C LEU B 259 0.22 6.05 4.32
N VAL B 260 0.40 6.70 3.17
CA VAL B 260 0.57 8.16 3.08
C VAL B 260 -0.57 8.77 2.27
N THR B 261 -1.21 9.79 2.85
CA THR B 261 -2.41 10.40 2.28
C THR B 261 -2.05 11.59 1.43
N TRP B 262 -2.93 11.95 0.49
CA TRP B 262 -2.79 13.20 -0.26
C TRP B 262 -2.49 14.43 0.60
N GLU B 263 -3.09 14.50 1.80
CA GLU B 263 -2.85 15.63 2.71
C GLU B 263 -1.35 15.82 2.93
N VAL B 264 -0.68 14.74 3.26
CA VAL B 264 0.77 14.76 3.46
C VAL B 264 1.53 15.19 2.20
N TRP B 265 1.19 14.59 1.07
CA TRP B 265 1.90 14.87 -0.19
C TRP B 265 1.62 16.27 -0.76
N MET B 266 0.43 16.80 -0.49
CA MET B 266 0.11 18.21 -0.79
C MET B 266 1.05 19.11 -0.01
N LYS B 267 1.11 18.84 1.28
CA LYS B 267 1.93 19.60 2.20
C LYS B 267 3.44 19.46 1.94
N SER B 268 3.89 18.26 1.55
CA SER B 268 5.32 18.07 1.22
C SER B 268 5.73 18.53 -0.19
N GLY B 269 4.76 18.67 -1.08
CA GLY B 269 5.01 19.09 -2.47
C GLY B 269 5.03 17.91 -3.44
N HIS B 270 5.12 16.70 -2.90
CA HIS B 270 5.11 15.50 -3.73
C HIS B 270 3.88 15.44 -4.64
N ALA B 271 2.82 16.14 -4.25
CA ALA B 271 1.56 16.18 -5.01
C ALA B 271 1.70 16.96 -6.32
N LYS B 272 2.81 17.66 -6.48
CA LYS B 272 3.13 18.33 -7.74
C LYS B 272 3.59 17.38 -8.87
N GLY B 273 4.07 16.18 -8.53
CA GLY B 273 4.64 15.33 -9.59
C GLY B 273 4.92 13.87 -9.36
N VAL B 274 4.72 13.39 -8.14
CA VAL B 274 5.09 12.03 -7.75
C VAL B 274 4.29 10.91 -8.44
N TYR B 275 3.17 11.27 -9.05
CA TYR B 275 2.21 10.32 -9.61
C TYR B 275 2.74 9.12 -10.42
N PRO B 276 3.72 9.33 -11.32
CA PRO B 276 4.17 8.18 -12.11
C PRO B 276 4.91 7.07 -11.34
N GLU B 277 5.39 7.38 -10.14
CA GLU B 277 6.32 6.48 -9.42
C GLU B 277 5.70 5.67 -8.30
N ILE B 278 4.44 5.94 -7.94
CA ILE B 278 3.91 5.45 -6.69
C ILE B 278 2.94 4.30 -6.87
N TYR B 279 2.79 3.50 -5.82
CA TYR B 279 1.71 2.53 -5.74
C TYR B 279 0.55 3.16 -4.97
N TYR B 280 -0.60 3.26 -5.64
CA TYR B 280 -1.77 3.92 -5.10
C TYR B 280 -2.53 3.02 -4.16
N VAL B 281 -3.14 3.61 -3.14
CA VAL B 281 -3.88 2.83 -2.15
C VAL B 281 -5.36 3.20 -2.16
N CYS B 282 -6.22 2.18 -2.18
CA CYS B 282 -7.64 2.36 -2.17
C CYS B 282 -8.25 1.57 -1.02
N PRO B 283 -9.00 2.25 -0.13
CA PRO B 283 -9.79 1.55 0.86
C PRO B 283 -11.02 0.93 0.19
N PRO B 284 -11.65 -0.05 0.86
CA PRO B 284 -12.92 -0.54 0.37
C PRO B 284 -14.00 0.51 0.60
N GLN B 285 -14.98 0.62 -0.30
CA GLN B 285 -16.05 1.63 -0.14
C GLN B 285 -16.88 1.36 1.10
N THR B 286 -16.99 0.07 1.45
CA THR B 286 -17.70 -0.38 2.65
C THR B 286 -17.21 -1.76 3.12
N ARG B 287 -17.34 -1.97 4.42
CA ARG B 287 -17.03 -3.24 5.09
C ARG B 287 -18.13 -4.27 4.86
N ASP B 288 -19.25 -3.82 4.31
CA ASP B 288 -20.46 -4.62 4.18
C ASP B 288 -20.24 -5.92 3.38
N PRO B 289 -20.35 -7.08 4.06
CA PRO B 289 -20.23 -8.40 3.43
C PRO B 289 -21.00 -8.51 2.12
N ASP B 290 -22.26 -8.06 2.13
CA ASP B 290 -23.16 -8.19 0.98
C ASP B 290 -22.63 -7.52 -0.28
N TYR B 291 -22.03 -6.35 -0.10
CA TYR B 291 -21.40 -5.59 -1.18
C TYR B 291 -20.27 -6.39 -1.83
N TRP B 292 -19.63 -7.24 -1.04
CA TRP B 292 -18.45 -7.97 -1.48
C TRP B 292 -18.74 -9.40 -1.90
N GLU B 293 -19.99 -9.82 -1.72
CA GLU B 293 -20.41 -11.18 -2.03
C GLU B 293 -20.20 -11.57 -3.50
N GLU B 294 -20.40 -10.61 -4.40
CA GLU B 294 -20.26 -10.87 -5.83
C GLU B 294 -18.82 -11.23 -6.17
N VAL B 295 -17.88 -10.62 -5.45
CA VAL B 295 -16.45 -10.84 -5.66
C VAL B 295 -16.04 -12.25 -5.21
N ALA B 296 -16.36 -12.57 -3.96
CA ALA B 296 -16.11 -13.89 -3.40
C ALA B 296 -16.76 -14.99 -4.26
N ASP B 297 -18.00 -14.76 -4.66
CA ASP B 297 -18.73 -15.64 -5.59
C ASP B 297 -18.00 -15.89 -6.91
N TYR B 298 -17.44 -14.82 -7.48
CA TYR B 298 -16.77 -14.89 -8.77
C TYR B 298 -15.56 -15.81 -8.66
N TYR B 299 -14.78 -15.63 -7.60
CA TYR B 299 -13.62 -16.45 -7.33
C TYR B 299 -13.98 -17.92 -7.13
N LYS B 300 -15.00 -18.17 -6.33
CA LYS B 300 -15.46 -19.52 -6.05
C LYS B 300 -15.76 -20.31 -7.33
N VAL B 301 -16.36 -19.63 -8.31
CA VAL B 301 -16.77 -20.27 -9.55
C VAL B 301 -15.65 -20.38 -10.57
N THR B 302 -14.84 -19.33 -10.71
CA THR B 302 -13.81 -19.30 -11.76
C THR B 302 -12.38 -19.58 -11.29
N HIS B 303 -12.16 -19.54 -9.98
CA HIS B 303 -10.81 -19.53 -9.36
C HIS B 303 -9.94 -18.37 -9.85
N GLU B 304 -10.59 -17.34 -10.36
CA GLU B 304 -9.93 -16.11 -10.77
C GLU B 304 -10.45 -14.96 -9.93
N VAL B 305 -9.55 -14.04 -9.60
CA VAL B 305 -9.89 -12.83 -8.90
C VAL B 305 -10.45 -11.86 -9.94
N PRO B 306 -11.64 -11.28 -9.66
CA PRO B 306 -12.25 -10.32 -10.57
C PRO B 306 -11.75 -8.90 -10.33
N THR B 307 -10.56 -8.63 -10.86
CA THR B 307 -9.90 -7.35 -10.60
C THR B 307 -10.67 -6.15 -11.17
N LYS B 308 -11.36 -6.37 -12.28
CA LYS B 308 -12.17 -5.37 -12.94
C LYS B 308 -13.31 -4.93 -12.03
N LEU B 309 -14.05 -5.92 -11.53
CA LEU B 309 -15.15 -5.71 -10.60
C LEU B 309 -14.66 -5.11 -9.29
N ILE B 310 -13.54 -5.61 -8.78
CA ILE B 310 -12.97 -5.07 -7.55
C ILE B 310 -12.65 -3.58 -7.66
N LYS B 311 -12.09 -3.17 -8.81
CA LYS B 311 -11.79 -1.75 -9.02
C LYS B 311 -13.04 -0.88 -8.90
N GLU B 312 -14.17 -1.36 -9.44
CA GLU B 312 -15.42 -0.64 -9.33
C GLU B 312 -15.84 -0.44 -7.86
N LYS B 313 -15.60 -1.48 -7.04
CA LYS B 313 -16.05 -1.51 -5.65
C LYS B 313 -15.09 -0.83 -4.66
N ILE B 314 -13.83 -0.66 -5.02
CA ILE B 314 -12.92 0.08 -4.16
C ILE B 314 -13.16 1.58 -4.31
N ALA B 315 -12.79 2.35 -3.30
CA ALA B 315 -12.99 3.79 -3.32
C ALA B 315 -11.89 4.42 -4.14
N GLU B 316 -12.02 5.71 -4.41
CA GLU B 316 -10.93 6.48 -5.00
C GLU B 316 -9.65 6.37 -4.15
N PRO B 317 -8.47 6.57 -4.76
CA PRO B 317 -7.28 6.47 -3.92
C PRO B 317 -7.17 7.56 -2.86
N ILE B 318 -6.74 7.16 -1.67
CA ILE B 318 -6.52 8.10 -0.56
C ILE B 318 -5.08 8.60 -0.55
N GLY B 319 -4.27 8.03 -1.42
CA GLY B 319 -2.83 8.27 -1.45
C GLY B 319 -2.11 7.02 -1.93
N GLY B 320 -0.96 6.76 -1.34
CA GLY B 320 -0.21 5.58 -1.70
C GLY B 320 0.66 5.06 -0.58
N MET B 321 1.46 4.07 -0.90
CA MET B 321 2.40 3.46 0.01
C MET B 321 3.57 4.40 0.22
N CYS B 322 4.22 4.26 1.37
CA CYS B 322 5.37 5.07 1.74
C CYS B 322 6.37 5.19 0.60
N TYR B 323 6.67 6.42 0.22
CA TYR B 323 7.54 6.68 -0.93
C TYR B 323 8.84 7.36 -0.53
N ALA B 324 8.75 8.48 0.19
CA ALA B 324 9.94 9.21 0.62
C ALA B 324 10.24 8.94 2.09
N GLN B 325 9.23 8.50 2.83
CA GLN B 325 9.31 8.08 4.24
C GLN B 325 9.16 9.20 5.29
N CYS B 326 9.80 10.34 5.05
CA CYS B 326 9.71 11.44 6.01
C CYS B 326 8.40 12.26 5.92
N PRO B 327 7.84 12.46 4.71
CA PRO B 327 6.63 13.30 4.65
C PRO B 327 5.58 13.02 5.74
N PRO B 328 5.18 11.75 5.96
CA PRO B 328 4.16 11.51 7.01
C PRO B 328 4.58 11.89 8.46
N PHE B 329 5.88 11.95 8.73
CA PHE B 329 6.34 12.38 10.05
C PHE B 329 5.92 13.82 10.32
N TRP B 330 5.95 14.65 9.29
CA TRP B 330 5.70 16.07 9.47
C TRP B 330 4.28 16.40 9.90
N MET B 331 3.42 15.40 9.95
CA MET B 331 2.09 15.56 10.53
C MET B 331 2.18 15.69 12.06
N TYR B 332 3.30 15.21 12.61
CA TYR B 332 3.55 15.27 14.04
C TYR B 332 3.79 16.68 14.52
N VAL B 333 4.35 17.51 13.64
CA VAL B 333 4.75 18.87 14.01
C VAL B 333 3.93 19.93 13.25
N ALA B 334 3.05 19.47 12.37
CA ALA B 334 2.25 20.37 11.52
C ALA B 334 1.37 21.34 12.34
N GLY B 335 1.44 22.63 12.00
CA GLY B 335 0.66 23.67 12.68
C GLY B 335 1.17 24.01 14.06
N GLU B 336 2.41 23.64 14.37
CA GLU B 336 2.96 23.86 15.70
C GLU B 336 4.11 24.88 15.72
N THR B 337 4.35 25.42 16.91
CA THR B 337 5.49 26.27 17.18
C THR B 337 6.44 25.52 18.12
N LEU B 338 7.67 25.30 17.67
CA LEU B 338 8.68 24.67 18.51
C LEU B 338 9.38 25.69 19.40
N PRO B 339 9.44 25.43 20.71
CA PRO B 339 10.34 26.20 21.60
C PRO B 339 11.77 26.04 21.11
N ASN B 340 12.56 27.10 21.21
CA ASN B 340 13.98 27.08 20.85
C ASN B 340 14.75 26.02 21.64
N GLU B 341 14.25 25.75 22.84
CA GLU B 341 14.75 24.67 23.69
C GLU B 341 14.75 23.31 23.02
N GLU B 342 13.77 23.06 22.14
CA GLU B 342 13.50 21.75 21.60
C GLU B 342 14.27 21.41 20.30
N ILE B 343 14.77 22.44 19.62
CA ILE B 343 15.62 22.22 18.45
C ILE B 343 17.10 22.18 18.84
N PRO B 344 17.94 21.46 18.05
CA PRO B 344 17.54 20.65 16.89
C PRO B 344 16.71 19.42 17.26
N VAL B 345 15.62 19.21 16.53
CA VAL B 345 14.86 17.96 16.63
C VAL B 345 15.53 16.93 15.71
N LYS B 346 15.99 15.83 16.30
CA LYS B 346 16.74 14.79 15.60
C LYS B 346 16.10 13.43 15.82
N VAL B 347 15.40 12.95 14.80
CA VAL B 347 14.64 11.71 14.89
C VAL B 347 14.98 10.74 13.74
N PHE B 348 14.61 9.47 13.89
CA PHE B 348 14.73 8.49 12.83
C PHE B 348 13.60 7.47 12.87
N ASP B 349 13.42 6.75 11.76
CA ASP B 349 12.39 5.74 11.61
C ASP B 349 12.93 4.52 10.88
N ARG B 350 12.51 3.35 11.34
CA ARG B 350 12.85 2.10 10.69
C ARG B 350 11.72 1.14 10.99
N SER B 351 10.50 1.56 10.69
CA SER B 351 9.32 0.81 11.05
C SER B 351 8.66 0.07 9.89
N GLY B 352 9.18 0.23 8.67
CA GLY B 352 8.60 -0.47 7.53
C GLY B 352 9.12 -0.13 6.14
N THR B 353 8.36 -0.57 5.13
CA THR B 353 8.82 -0.58 3.75
C THR B 353 8.41 0.62 2.92
N SER B 354 9.27 0.99 1.98
CA SER B 354 8.98 2.00 0.99
C SER B 354 8.69 1.32 -0.35
N HIS B 355 8.02 2.03 -1.25
CA HIS B 355 7.56 1.45 -2.50
C HIS B 355 7.65 2.46 -3.64
N ARG B 356 8.22 2.03 -4.76
CA ARG B 356 8.42 2.89 -5.91
C ARG B 356 8.28 2.05 -7.16
N TYR B 357 7.54 2.57 -8.14
CA TYR B 357 7.34 1.87 -9.39
C TYR B 357 8.57 2.14 -10.27
N GLU B 358 9.55 1.25 -10.22
CA GLU B 358 10.82 1.42 -10.97
C GLU B 358 10.67 1.19 -12.47
N SER B 359 11.72 1.53 -13.22
CA SER B 359 11.78 1.25 -14.65
C SER B 359 11.58 -0.24 -14.89
N GLY B 360 10.79 -0.58 -15.90
CA GLY B 360 10.48 -1.99 -16.24
C GLY B 360 11.70 -2.86 -16.52
N GLY B 361 11.46 -4.15 -16.66
CA GLY B 361 12.55 -5.13 -16.83
C GLY B 361 13.17 -5.44 -15.49
N ILE B 362 13.59 -6.69 -15.31
CA ILE B 362 14.04 -7.17 -14.00
C ILE B 362 15.45 -6.70 -13.63
N HIS B 363 15.65 -6.52 -12.32
CA HIS B 363 16.93 -6.17 -11.75
C HIS B 363 17.19 -7.08 -10.55
N GLY B 364 18.32 -6.88 -9.89
CA GLY B 364 18.58 -7.53 -8.60
C GLY B 364 18.21 -6.57 -7.48
N ILE B 365 18.87 -6.73 -6.33
CA ILE B 365 18.54 -5.88 -5.18
C ILE B 365 19.08 -4.46 -5.29
N GLU B 366 19.85 -4.20 -6.36
CA GLU B 366 20.38 -2.87 -6.64
C GLU B 366 19.31 -1.90 -7.15
N ARG B 367 18.18 -2.45 -7.59
CA ARG B 367 17.08 -1.66 -8.11
C ARG B 367 15.73 -2.32 -7.85
N VAL B 368 15.25 -2.18 -6.62
CA VAL B 368 14.01 -2.83 -6.20
C VAL B 368 12.82 -1.88 -6.21
N ASP B 369 11.63 -2.46 -6.18
CA ASP B 369 10.37 -1.74 -6.06
C ASP B 369 9.89 -1.68 -4.61
N GLU B 370 10.27 -2.69 -3.82
CA GLU B 370 9.98 -2.70 -2.39
C GLU B 370 11.28 -2.66 -1.59
N PHE B 371 11.59 -1.51 -0.99
CA PHE B 371 12.82 -1.42 -0.23
C PHE B 371 12.67 -1.07 1.25
N HIS B 372 13.75 -1.22 2.00
CA HIS B 372 13.76 -1.02 3.44
C HIS B 372 14.76 0.06 3.77
N ARG B 373 14.27 1.18 4.28
CA ARG B 373 15.10 2.34 4.52
C ARG B 373 15.00 2.77 5.97
N ILE B 374 16.14 3.18 6.53
CA ILE B 374 16.14 3.89 7.80
C ILE B 374 16.16 5.38 7.46
N GLU B 375 15.09 6.09 7.83
CA GLU B 375 14.92 7.49 7.46
C GLU B 375 15.23 8.40 8.65
N ILE B 376 16.13 9.35 8.39
CA ILE B 376 16.74 10.17 9.42
C ILE B 376 16.36 11.63 9.13
N VAL B 377 15.72 12.30 10.10
CA VAL B 377 15.14 13.63 9.92
C VAL B 377 15.61 14.56 11.03
N TRP B 378 16.12 15.73 10.65
CA TRP B 378 16.51 16.74 11.61
C TRP B 378 15.97 18.10 11.22
N ILE B 379 15.53 18.86 12.24
CA ILE B 379 14.92 20.18 12.10
C ILE B 379 15.56 21.15 13.08
N GLY B 380 15.85 22.36 12.62
CA GLY B 380 16.45 23.41 13.44
C GLY B 380 16.64 24.67 12.62
N THR B 381 17.53 25.55 13.07
CA THR B 381 17.86 26.73 12.28
C THR B 381 18.73 26.34 11.09
N LYS B 382 18.92 27.28 10.18
CA LYS B 382 19.75 27.09 9.01
C LYS B 382 21.11 26.53 9.43
N GLU B 383 21.74 27.20 10.40
CA GLU B 383 23.08 26.81 10.87
C GLU B 383 23.09 25.40 11.45
N GLU B 384 22.06 25.08 12.25
CA GLU B 384 21.96 23.78 12.89
C GLU B 384 21.77 22.62 11.90
N VAL B 385 21.06 22.89 10.82
CA VAL B 385 20.78 21.89 9.79
C VAL B 385 22.07 21.57 9.03
N LEU B 386 22.81 22.62 8.62
CA LEU B 386 24.10 22.44 7.97
C LEU B 386 25.07 21.67 8.86
N LYS B 387 25.10 22.05 10.13
CA LYS B 387 25.92 21.40 11.13
C LYS B 387 25.58 19.91 11.24
N CYS B 388 24.29 19.60 11.33
CA CYS B 388 23.85 18.21 11.44
C CYS B 388 24.22 17.37 10.21
N ALA B 389 24.05 17.98 9.03
CA ALA B 389 24.40 17.36 7.76
C ALA B 389 25.88 16.97 7.74
N GLU B 390 26.73 17.94 8.07
CA GLU B 390 28.18 17.76 8.14
C GLU B 390 28.54 16.61 9.10
N GLU B 391 27.86 16.55 10.24
CA GLU B 391 28.12 15.52 11.25
C GLU B 391 27.77 14.12 10.77
N LEU B 392 26.69 14.02 9.99
CA LEU B 392 26.28 12.75 9.38
C LEU B 392 27.29 12.30 8.32
N HIS B 393 27.78 13.26 7.53
CA HIS B 393 28.80 13.02 6.54
C HIS B 393 30.06 12.42 7.16
N ASP B 394 30.47 12.91 8.33
CA ASP B 394 31.63 12.37 9.03
C ASP B 394 31.40 10.92 9.44
N ARG B 395 30.21 10.64 9.96
CA ARG B 395 29.87 9.29 10.37
C ARG B 395 29.81 8.30 9.20
N TYR B 396 29.20 8.71 8.09
CA TYR B 396 29.14 7.86 6.89
C TYR B 396 30.55 7.53 6.41
N MET B 397 31.42 8.54 6.39
CA MET B 397 32.79 8.34 5.97
C MET B 397 33.48 7.30 6.86
N HIS B 398 33.28 7.41 8.17
CA HIS B 398 33.86 6.44 9.09
C HIS B 398 33.35 5.02 8.80
N ILE B 399 32.04 4.87 8.66
CA ILE B 399 31.42 3.58 8.42
C ILE B 399 31.90 2.93 7.11
N PHE B 400 31.89 3.69 6.01
CA PHE B 400 32.23 3.13 4.70
C PHE B 400 33.71 2.82 4.56
N ASN B 401 34.55 3.68 5.11
CA ASN B 401 36.00 3.47 5.10
C ASN B 401 36.47 2.42 6.11
N ASP B 402 36.03 2.55 7.36
CA ASP B 402 36.62 1.77 8.46
C ASP B 402 35.88 0.49 8.86
N ILE B 403 34.57 0.43 8.62
CA ILE B 403 33.82 -0.77 8.98
C ILE B 403 33.51 -1.65 7.78
N LEU B 404 32.82 -1.09 6.78
CA LEU B 404 32.55 -1.80 5.54
C LEU B 404 33.77 -1.91 4.63
N ASP B 405 34.69 -0.94 4.72
CA ASP B 405 35.93 -0.91 3.92
C ASP B 405 35.68 -1.06 2.41
N ILE B 406 34.77 -0.24 1.89
CA ILE B 406 34.37 -0.31 0.49
C ILE B 406 34.98 0.84 -0.30
N GLU B 407 34.87 0.77 -1.62
CA GLU B 407 35.35 1.84 -2.51
C GLU B 407 34.17 2.69 -2.90
N TRP B 408 34.27 3.99 -2.63
CA TRP B 408 33.15 4.89 -2.87
C TRP B 408 33.60 6.31 -3.19
N ARG B 409 32.63 7.13 -3.57
CA ARG B 409 32.83 8.56 -3.76
C ARG B 409 31.55 9.29 -3.37
N LYS B 410 31.63 10.62 -3.24
CA LYS B 410 30.42 11.43 -3.07
C LYS B 410 30.41 12.64 -3.99
N ALA B 411 29.22 13.04 -4.40
CA ALA B 411 29.05 14.16 -5.33
C ALA B 411 27.84 15.02 -4.98
N ARG B 412 27.92 16.30 -5.33
CA ARG B 412 26.81 17.24 -5.16
C ARG B 412 26.12 17.45 -6.51
N VAL B 413 24.79 17.42 -6.50
CA VAL B 413 24.00 17.63 -7.71
C VAL B 413 23.53 19.09 -7.81
N THR B 414 24.09 19.83 -8.78
CA THR B 414 23.88 21.28 -8.91
C THR B 414 22.44 21.63 -9.28
N ASN B 430 22.44 27.87 -1.84
CA ASN B 430 23.63 27.19 -2.33
C ASN B 430 23.88 25.86 -1.63
N THR B 431 23.50 25.79 -0.36
CA THR B 431 23.67 24.59 0.45
C THR B 431 22.45 23.67 0.40
N VAL B 432 21.32 24.21 -0.08
CA VAL B 432 20.13 23.39 -0.37
C VAL B 432 20.43 22.42 -1.51
N GLY B 433 20.18 21.13 -1.27
CA GLY B 433 20.41 20.10 -2.27
C GLY B 433 20.91 18.79 -1.68
N THR B 434 21.11 17.80 -2.54
CA THR B 434 21.50 16.46 -2.12
C THR B 434 22.98 16.16 -2.39
N THR B 435 23.63 15.51 -1.43
CA THR B 435 24.93 14.90 -1.64
C THR B 435 24.77 13.38 -1.78
N ASP B 436 25.20 12.85 -2.92
CA ASP B 436 25.06 11.42 -3.20
C ASP B 436 26.34 10.64 -2.98
N TYR B 437 26.19 9.44 -2.42
CA TYR B 437 27.28 8.49 -2.28
C TYR B 437 27.13 7.40 -3.34
N GLU B 438 28.22 7.14 -4.06
CA GLU B 438 28.25 6.15 -5.15
C GLU B 438 29.38 5.16 -4.97
N ALA B 439 29.13 3.92 -5.41
CA ALA B 439 30.13 2.86 -5.33
C ALA B 439 30.16 1.98 -6.60
N CYS B 440 31.36 1.54 -6.97
CA CYS B 440 31.52 0.65 -8.12
C CYS B 440 31.02 -0.74 -7.78
N LEU B 441 30.38 -1.37 -8.76
CA LEU B 441 29.95 -2.75 -8.61
C LEU B 441 30.76 -3.54 -9.60
N PRO B 442 31.81 -4.23 -9.12
CA PRO B 442 32.75 -4.90 -10.04
C PRO B 442 32.10 -5.69 -11.18
N TYR B 443 30.99 -6.39 -10.93
CA TYR B 443 30.38 -7.22 -11.98
C TYR B 443 29.94 -6.42 -13.22
N ARG B 444 29.75 -5.11 -13.04
CA ARG B 444 29.37 -4.23 -14.14
C ARG B 444 30.56 -3.87 -15.03
N GLY B 445 31.75 -4.31 -14.61
CA GLY B 445 32.97 -4.10 -15.39
C GLY B 445 33.64 -2.78 -15.12
N PRO B 446 34.90 -2.62 -15.56
CA PRO B 446 35.68 -1.41 -15.21
C PRO B 446 35.02 -0.09 -15.64
N ASP B 447 33.98 -0.17 -16.48
CA ASP B 447 33.36 1.01 -17.07
C ASP B 447 31.90 1.16 -16.69
N GLY B 448 31.41 0.28 -15.83
CA GLY B 448 30.01 0.28 -15.41
C GLY B 448 29.63 1.50 -14.58
N GLU B 449 28.34 1.82 -14.59
CA GLU B 449 27.74 2.87 -13.77
C GLU B 449 27.92 2.51 -12.29
N TRP B 450 28.34 3.47 -11.49
CA TRP B 450 28.39 3.27 -10.04
C TRP B 450 26.98 3.31 -9.48
N LEU B 451 26.81 2.73 -8.30
CA LEU B 451 25.51 2.63 -7.68
C LEU B 451 25.35 3.69 -6.56
N GLU B 452 24.22 4.39 -6.57
CA GLU B 452 23.87 5.34 -5.52
C GLU B 452 23.40 4.52 -4.33
N PHE B 453 24.04 4.68 -3.18
CA PHE B 453 23.72 3.84 -2.01
C PHE B 453 23.53 4.64 -0.70
N GLN B 454 23.71 5.97 -0.78
CA GLN B 454 23.54 6.84 0.38
C GLN B 454 23.35 8.29 -0.04
N ASN B 455 22.53 9.00 0.73
CA ASN B 455 22.27 10.42 0.47
C ASN B 455 22.28 11.23 1.76
N VAL B 456 22.63 12.52 1.65
CA VAL B 456 22.31 13.50 2.68
C VAL B 456 21.68 14.72 2.01
N SER B 457 20.48 15.07 2.45
CA SER B 457 19.76 16.17 1.83
C SER B 457 19.51 17.33 2.79
N ILE B 458 19.86 18.53 2.32
CA ILE B 458 19.49 19.77 3.00
C ILE B 458 18.32 20.35 2.21
N ASN B 459 17.18 20.50 2.90
CA ASN B 459 15.90 20.82 2.25
C ASN B 459 15.44 22.27 2.38
N GLY B 460 16.22 23.09 3.08
CA GLY B 460 15.86 24.48 3.33
C GLY B 460 14.59 24.60 4.17
N ASP B 461 13.78 25.61 3.86
CA ASP B 461 12.56 25.87 4.61
C ASP B 461 11.35 25.16 4.01
N LYS B 462 11.60 24.35 2.99
CA LYS B 462 10.56 23.62 2.25
C LYS B 462 9.48 22.99 3.14
N TYR B 463 9.90 22.10 4.04
CA TYR B 463 8.96 21.35 4.89
C TYR B 463 8.34 22.18 6.02
N PRO B 464 9.16 22.91 6.81
CA PRO B 464 8.55 23.82 7.78
C PRO B 464 7.47 24.70 7.14
N LYS B 465 7.76 25.31 5.99
CA LYS B 465 6.76 26.11 5.26
C LYS B 465 5.58 25.27 4.80
N GLY B 466 5.86 24.10 4.24
CA GLY B 466 4.82 23.24 3.71
C GLY B 466 3.83 22.78 4.77
N PHE B 467 4.35 22.42 5.94
CA PHE B 467 3.54 21.86 7.01
C PHE B 467 3.17 22.90 8.07
N ASN B 468 3.68 24.12 7.89
CA ASN B 468 3.42 25.25 8.77
C ASN B 468 3.97 25.01 10.17
N VAL B 469 5.29 25.06 10.27
CA VAL B 469 6.01 24.80 11.51
C VAL B 469 6.87 26.03 11.73
N LYS B 470 6.55 26.77 12.79
CA LYS B 470 7.25 28.00 13.10
C LYS B 470 8.21 27.74 14.25
N LEU B 471 9.19 28.63 14.43
CA LEU B 471 10.05 28.63 15.61
C LEU B 471 9.63 29.79 16.50
N GLN B 472 9.60 29.54 17.81
CA GLN B 472 9.13 30.53 18.78
C GLN B 472 9.87 31.86 18.73
N SER B 473 11.15 31.83 18.36
CA SER B 473 11.95 33.06 18.24
C SER B 473 11.64 33.79 16.93
N GLY B 474 10.99 33.11 16.00
CA GLY B 474 10.54 33.73 14.76
C GLY B 474 11.48 33.55 13.59
N ASP B 475 12.66 32.99 13.85
CA ASP B 475 13.62 32.69 12.80
C ASP B 475 13.10 31.58 11.90
N GLU B 476 13.61 31.54 10.67
N GLU B 476 13.64 31.55 10.68
CA GLU B 476 13.16 30.57 9.69
CA GLU B 476 13.28 30.56 9.66
C GLU B 476 13.74 29.18 10.00
C GLU B 476 13.76 29.18 10.08
N LEU B 477 12.86 28.18 10.02
CA LEU B 477 13.25 26.79 10.28
C LEU B 477 13.63 26.11 8.99
N TRP B 478 14.70 25.33 9.06
CA TRP B 478 15.11 24.47 7.96
C TRP B 478 14.95 23.03 8.39
N SER B 479 15.12 22.11 7.44
CA SER B 479 15.23 20.70 7.76
C SER B 479 16.11 19.98 6.75
N GLY B 480 16.49 18.76 7.13
CA GLY B 480 17.27 17.90 6.28
C GLY B 480 16.83 16.47 6.55
N CYS B 481 17.30 15.56 5.68
CA CYS B 481 17.04 14.14 5.84
C CYS B 481 18.09 13.29 5.12
N SER B 482 18.12 12.03 5.49
CA SER B 482 19.12 11.09 5.03
C SER B 482 18.51 9.70 5.13
N GLY B 483 18.47 9.00 4.02
CA GLY B 483 17.88 7.67 3.99
C GLY B 483 18.93 6.59 3.77
N VAL B 484 18.97 5.62 4.68
CA VAL B 484 19.89 4.49 4.56
C VAL B 484 19.14 3.35 3.90
N GLY B 485 19.37 3.17 2.60
CA GLY B 485 18.75 2.07 1.85
C GLY B 485 19.50 0.76 2.05
N LEU B 486 18.89 -0.17 2.79
CA LEU B 486 19.58 -1.40 3.18
C LEU B 486 19.94 -2.30 1.99
N GLU B 487 19.03 -2.42 1.02
CA GLU B 487 19.27 -3.14 -0.23
C GLU B 487 20.48 -2.58 -0.95
N ARG B 488 20.63 -1.26 -0.94
CA ARG B 488 21.76 -0.62 -1.63
C ARG B 488 23.10 -0.86 -0.96
N TRP B 489 23.14 -0.81 0.37
CA TRP B 489 24.36 -1.07 1.14
C TRP B 489 24.79 -2.51 0.88
N ALA B 490 23.83 -3.42 0.90
CA ALA B 490 24.07 -4.83 0.61
C ALA B 490 24.59 -5.04 -0.81
N ALA B 491 23.95 -4.41 -1.79
CA ALA B 491 24.37 -4.54 -3.18
C ALA B 491 25.81 -4.08 -3.33
N VAL B 492 26.14 -2.99 -2.66
CA VAL B 492 27.51 -2.45 -2.74
C VAL B 492 28.51 -3.35 -2.00
N PHE B 493 28.22 -3.69 -0.75
CA PHE B 493 29.14 -4.47 0.08
C PHE B 493 29.39 -5.88 -0.48
N LEU B 494 28.34 -6.54 -0.96
CA LEU B 494 28.45 -7.92 -1.43
C LEU B 494 29.06 -8.04 -2.83
N ALA B 495 28.79 -7.06 -3.70
CA ALA B 495 29.46 -6.97 -5.00
C ALA B 495 30.97 -6.79 -4.86
N GLN B 496 31.40 -6.12 -3.80
CA GLN B 496 32.82 -5.84 -3.58
C GLN B 496 33.53 -6.89 -2.71
N LYS B 497 32.78 -7.50 -1.79
CA LYS B 497 33.42 -8.33 -0.77
C LYS B 497 33.08 -9.81 -0.86
N GLY B 498 32.01 -10.14 -1.58
CA GLY B 498 31.58 -11.52 -1.74
C GLY B 498 30.64 -11.98 -0.64
N LEU B 499 30.19 -13.23 -0.73
CA LEU B 499 29.23 -13.81 0.21
C LEU B 499 29.92 -14.65 1.28
N ASP B 500 31.25 -14.62 1.29
CA ASP B 500 32.07 -15.46 2.16
C ASP B 500 32.64 -14.62 3.29
N PRO B 501 32.19 -14.89 4.54
CA PRO B 501 32.56 -14.14 5.74
C PRO B 501 34.07 -14.04 5.98
N ALA B 502 34.82 -15.01 5.46
CA ALA B 502 36.27 -15.04 5.64
C ALA B 502 36.98 -13.89 4.92
N ASN B 503 36.31 -13.33 3.91
CA ASN B 503 36.89 -12.26 3.10
C ASN B 503 36.30 -10.88 3.43
N TRP B 504 35.41 -10.83 4.42
CA TRP B 504 34.86 -9.56 4.89
C TRP B 504 35.85 -8.87 5.80
N PRO B 505 35.80 -7.51 5.85
CA PRO B 505 36.65 -6.80 6.80
C PRO B 505 36.39 -7.28 8.23
N GLU B 506 37.45 -7.35 9.03
CA GLU B 506 37.38 -7.75 10.44
C GLU B 506 36.29 -6.99 11.19
N GLU B 507 36.27 -5.67 11.03
CA GLU B 507 35.32 -4.81 11.71
C GLU B 507 33.86 -5.18 11.41
N PHE B 508 33.60 -5.65 10.19
CA PHE B 508 32.26 -6.10 9.83
C PHE B 508 31.96 -7.49 10.42
N ARG B 509 32.94 -8.40 10.35
CA ARG B 509 32.77 -9.76 10.86
C ARG B 509 32.40 -9.79 12.35
N ASN B 510 33.03 -8.93 13.16
CA ASN B 510 32.75 -8.83 14.60
C ASN B 510 31.32 -8.42 14.96
N ARG B 511 30.65 -7.74 14.02
CA ARG B 511 29.30 -7.24 14.22
C ARG B 511 28.21 -8.17 13.68
N VAL B 512 28.58 -9.04 12.75
CA VAL B 512 27.64 -10.01 12.16
C VAL B 512 27.41 -11.17 13.14
N GLY B 513 28.49 -11.64 13.75
CA GLY B 513 28.46 -12.83 14.59
C GLY B 513 28.63 -14.04 13.70
N GLU B 514 28.22 -15.20 14.20
CA GLU B 514 28.18 -16.40 13.38
C GLU B 514 26.94 -16.36 12.50
N MET B 515 27.16 -16.37 11.19
CA MET B 515 26.09 -16.39 10.20
C MET B 515 25.09 -17.50 10.47
N PRO B 516 23.79 -17.23 10.28
CA PRO B 516 22.84 -18.32 10.44
C PRO B 516 22.89 -19.23 9.21
N LYS B 517 22.36 -20.44 9.33
CA LYS B 517 22.19 -21.27 8.15
C LYS B 517 20.90 -20.87 7.42
N GLY B 518 20.85 -21.18 6.12
CA GLY B 518 19.68 -20.90 5.31
C GLY B 518 18.66 -22.00 5.41
N ILE B 519 17.64 -21.93 4.58
CA ILE B 519 16.68 -23.02 4.46
C ILE B 519 17.05 -23.87 3.23
N ARG B 520 17.59 -25.06 3.49
CA ARG B 520 18.02 -25.97 2.45
C ARG B 520 16.82 -26.70 1.88
N PHE B 521 16.78 -26.80 0.55
CA PHE B 521 15.75 -27.55 -0.17
C PHE B 521 16.35 -28.76 -0.86
N LEU B 522 15.48 -29.69 -1.30
CA LEU B 522 15.92 -30.92 -1.95
C LEU B 522 16.51 -30.66 -3.34
#